data_8J21
#
_entry.id   8J21
#
_cell.length_a   1.00
_cell.length_b   1.00
_cell.length_c   1.00
_cell.angle_alpha   90.00
_cell.angle_beta   90.00
_cell.angle_gamma   90.00
#
_symmetry.space_group_name_H-M   'P 1'
#
loop_
_entity.id
_entity.type
_entity.pdbx_description
1 polymer 'Guanine nucleotide-binding protein G(I)/G(S)/G(T) subunit beta-1'
2 polymer scFV16
3 polymer 'Guanine nucleotide-binding protein G(i) subunit alpha-1'
4 polymer 'Free fatty acid receptor 3'
5 polymer 'Guanine nucleotide-binding protein G(I)/G(S)/G(O) subunit gamma-2'
6 non-polymer 'butanoic acid'
#
loop_
_entity_poly.entity_id
_entity_poly.type
_entity_poly.pdbx_seq_one_letter_code
_entity_poly.pdbx_strand_id
1 'polypeptide(L)'
;MHHHHHHGSLLQSELDQLRQEAEQLKNQIRDARKACADATLSQITNNIDPVGRIQMRTRRTLRGHLAKIYAMHWGTDSRL
LVSASQDGKLIIWDSYTTNKVHAIPLRSSWVMTCAYAPSGNYVACGGLDNICSIYNLKTREGNVRVSRELAGHTGYLSCC
RFLDDNQIVTSSGDTTCALWDIETGQQTTTFTGHTGDVMSLSLAPDTRLFVSGACDASAKLWDVREGMCRQTFTGHESDI
NAICFFPNGNAFATGSDDATCRLFDLRADQELMTYSHDNIICGITSVSFSKSGRLLLAGYDDFNCNVWDALKADRAGVLA
GHDNRVSCLGVTDDGMAVATGSWDSFLKIWNGSSGGGGSGGGGSSGVSGWRLFKKIS
;
A
2 'polypeptide(L)'
;MLLVNQSHQGFNKEHTSKMVSAIVLYVLLAAAAHSAFADVQLVESGGGLVQPGGSRKLSCSASGFAFSSFGMHWVRQAPE
KGLEWVAYISSGSGTIYYADTVKGRFTISRDDPKNTLFLQMTSLRSEDTAMYYCVRSIYYYGSSPFDFWGQGTTLTVSSG
GGGSGGGGSGGGGSDIVMTQATSSVPVTPGESVSISCRSSKSLLHSNGNTYLYWFLQRPGQSPQLLIYRMSNLASGVPDR
FSGSGSGTAFTLTISRLEAEDVGVYYCMQHLEYPLTFGAGTKLELKAAAHHHHHHHH
;
B
3 'polypeptide(L)'
;MGCTLSAEDKAAVERSKMIDRNLREDGEKAAREVKLLLLGAGESGKSTIVKQMKIIHEAGYSEEECKQYKAVVYSNTIQS
IIAIIRAMGRLKIDFGDSARADDARQLFVLAGAAEEGFMTAELAGVIKRLWKDSGVQACFNRSREYQLNDSAAYYLNDLD
RIAQPNYIPTQQDVLRTRVKTTGIVETHFTFKDLHFKMFDVGGQRSERKKWIHCFEGVTAIIFCVALSDYDLVLAEDEEM
NRMHESMKLFDSICNNKWFTDTSIILFLNKKDLFEEKIKKSPLTICYPEYAGSNTYEEAAAYIQCQFEDLNKRKDTKEIY
THFTCATDTKNVQFVFDAVTDVIIKNNLKDCGLF
;
C
4 'polypeptide(L)'
;MDTSPDQSFFPGNHWLVFSVYLFTFLVGLPLNLLALVIFVGKLRRRPVAVDVLLLNLTLSDLLLLLFLPFRMVEAASGMH
WPLPFILCPLSGFLFFTTIYLTALFLAAVSIERFLSVAYPLWYKTRPRLGQAGLVSVACWLLASAHCSVVYVIEFSGDIS
HSQGTNGTCYLEFREDQLAILLPVRLEMAVVLFGVPLLITSYCYSRLVWILGRGASHRRRRRVAGLVAATLLNFLVCFGP
YNVSHVVGYIQGESPVWRSYVLLLSTLNSCVDPLVYYFSSSGFQADFHELLRRLCGLWGPWQQESSMELKEQKG
;
D
5 'polypeptide(L)' MASNNTASIAQARKLVEQLKMEANIDRIKVSKAAADLMAYCEAHAKEDPLLTPVPASENPFREKKFFCAIL E
#
# COMPACT_ATOMS: atom_id res chain seq x y z
N GLU A 14 26.23 -15.08 -48.45
CA GLU A 14 26.07 -13.77 -47.83
C GLU A 14 24.67 -13.61 -47.23
N LEU A 15 24.48 -12.54 -46.47
CA LEU A 15 23.21 -12.30 -45.79
C LEU A 15 22.24 -11.47 -46.62
N ASP A 16 22.68 -10.93 -47.77
CA ASP A 16 21.79 -10.10 -48.58
C ASP A 16 20.62 -10.92 -49.14
N GLN A 17 20.92 -12.09 -49.71
CA GLN A 17 19.86 -12.92 -50.25
C GLN A 17 18.95 -13.47 -49.16
N LEU A 18 19.52 -13.79 -47.99
CA LEU A 18 18.68 -14.22 -46.87
C LEU A 18 17.74 -13.10 -46.41
N ARG A 19 18.25 -11.87 -46.35
CA ARG A 19 17.39 -10.74 -45.99
C ARG A 19 16.30 -10.52 -47.03
N GLN A 20 16.65 -10.65 -48.32
CA GLN A 20 15.64 -10.51 -49.37
C GLN A 20 14.58 -11.60 -49.26
N GLU A 21 15.00 -12.83 -48.96
CA GLU A 21 14.05 -13.93 -48.79
C GLU A 21 13.15 -13.68 -47.59
N ALA A 22 13.71 -13.16 -46.49
CA ALA A 22 12.89 -12.83 -45.33
C ALA A 22 11.87 -11.74 -45.66
N GLU A 23 12.29 -10.72 -46.42
CA GLU A 23 11.36 -9.67 -46.83
C GLU A 23 10.26 -10.23 -47.72
N GLN A 24 10.61 -11.13 -48.64
CA GLN A 24 9.60 -11.74 -49.50
C GLN A 24 8.63 -12.59 -48.68
N LEU A 25 9.14 -13.31 -47.68
CA LEU A 25 8.27 -14.09 -46.80
C LEU A 25 7.33 -13.19 -46.02
N LYS A 26 7.83 -12.05 -45.53
CA LYS A 26 6.97 -11.11 -44.83
C LYS A 26 5.90 -10.55 -45.76
N ASN A 27 6.27 -10.24 -47.00
CA ASN A 27 5.29 -9.77 -47.96
C ASN A 27 4.23 -10.82 -48.25
N GLN A 28 4.64 -12.09 -48.39
CA GLN A 28 3.69 -13.16 -48.61
C GLN A 28 2.75 -13.33 -47.41
N ILE A 29 3.30 -13.22 -46.20
CA ILE A 29 2.48 -13.30 -45.00
C ILE A 29 1.45 -12.17 -44.96
N ARG A 30 1.89 -10.96 -45.30
CA ARG A 30 0.97 -9.82 -45.34
C ARG A 30 -0.12 -10.02 -46.38
N ASP A 31 0.25 -10.54 -47.56
CA ASP A 31 -0.74 -10.80 -48.60
C ASP A 31 -1.76 -11.84 -48.16
N ALA A 32 -1.29 -12.92 -47.52
CA ALA A 32 -2.20 -13.94 -47.02
C ALA A 32 -3.11 -13.38 -45.93
N ARG A 33 -2.56 -12.53 -45.07
CA ARG A 33 -3.37 -11.90 -44.03
C ARG A 33 -4.45 -11.01 -44.63
N LYS A 34 -4.10 -10.23 -45.66
CA LYS A 34 -5.06 -9.35 -46.30
C LYS A 34 -6.07 -10.11 -47.14
N ALA A 35 -5.74 -11.33 -47.58
CA ALA A 35 -6.69 -12.11 -48.38
C ALA A 35 -7.93 -12.45 -47.57
N CYS A 36 -7.77 -12.83 -46.31
CA CYS A 36 -8.88 -13.19 -45.45
C CYS A 36 -9.33 -11.98 -44.62
N ALA A 37 -9.75 -10.94 -45.32
CA ALA A 37 -10.23 -9.70 -44.71
C ALA A 37 -11.51 -9.25 -45.40
N ASP A 38 -12.45 -10.18 -45.57
CA ASP A 38 -13.69 -9.86 -46.27
C ASP A 38 -14.52 -8.83 -45.51
N ALA A 39 -14.62 -8.97 -44.20
CA ALA A 39 -15.41 -8.06 -43.38
C ALA A 39 -14.74 -7.88 -42.03
N THR A 40 -15.08 -6.79 -41.36
CA THR A 40 -14.54 -6.47 -40.05
C THR A 40 -15.53 -6.82 -38.95
N LEU A 41 -15.04 -6.81 -37.71
CA LEU A 41 -15.89 -7.14 -36.57
C LEU A 41 -16.93 -6.05 -36.32
N SER A 42 -16.58 -4.79 -36.59
CA SER A 42 -17.51 -3.69 -36.35
C SER A 42 -18.76 -3.82 -37.22
N GLN A 43 -18.59 -4.20 -38.48
CA GLN A 43 -19.75 -4.35 -39.35
C GLN A 43 -20.67 -5.46 -38.87
N ILE A 44 -20.09 -6.57 -38.40
CA ILE A 44 -20.90 -7.67 -37.89
C ILE A 44 -21.63 -7.26 -36.62
N THR A 45 -20.94 -6.58 -35.71
CA THR A 45 -21.51 -6.25 -34.41
C THR A 45 -22.36 -4.99 -34.41
N ASN A 46 -22.42 -4.26 -35.54
CA ASN A 46 -23.26 -3.06 -35.59
C ASN A 46 -24.75 -3.38 -35.50
N ASN A 47 -25.14 -4.64 -35.73
CA ASN A 47 -26.54 -5.03 -35.71
C ASN A 47 -26.94 -5.72 -34.41
N ILE A 48 -26.12 -5.64 -33.37
CA ILE A 48 -26.40 -6.30 -32.10
C ILE A 48 -26.69 -5.26 -31.04
N ASP A 49 -27.30 -5.73 -29.94
CA ASP A 49 -27.67 -4.85 -28.85
C ASP A 49 -26.43 -4.30 -28.16
N PRO A 50 -26.38 -3.00 -27.87
CA PRO A 50 -25.22 -2.43 -27.17
C PRO A 50 -25.25 -2.74 -25.68
N VAL A 51 -24.06 -2.61 -25.07
CA VAL A 51 -23.92 -2.93 -23.66
C VAL A 51 -24.64 -1.92 -22.78
N GLY A 52 -24.81 -0.69 -23.27
CA GLY A 52 -25.51 0.33 -22.51
C GLY A 52 -24.65 0.95 -21.42
N ARG A 53 -25.29 1.77 -20.60
CA ARG A 53 -24.61 2.44 -19.51
C ARG A 53 -24.19 1.45 -18.43
N ILE A 54 -22.99 1.63 -17.91
CA ILE A 54 -22.45 0.79 -16.83
C ILE A 54 -22.02 1.70 -15.69
N GLN A 55 -22.49 1.38 -14.48
CA GLN A 55 -22.28 2.23 -13.31
C GLN A 55 -21.77 1.39 -12.13
N MET A 56 -20.75 0.58 -12.38
CA MET A 56 -20.15 -0.21 -11.31
C MET A 56 -19.48 0.72 -10.30
N ARG A 57 -19.65 0.39 -9.02
CA ARG A 57 -19.11 1.19 -7.93
C ARG A 57 -18.33 0.30 -6.98
N THR A 58 -17.40 0.92 -6.26
CA THR A 58 -16.52 0.19 -5.35
C THR A 58 -17.20 -0.02 -4.00
N ARG A 59 -17.18 -1.26 -3.51
CA ARG A 59 -17.62 -1.58 -2.15
C ARG A 59 -16.53 -2.43 -1.50
N ARG A 60 -15.49 -1.77 -1.02
CA ARG A 60 -14.33 -2.31 -0.31
C ARG A 60 -13.43 -1.14 0.06
N THR A 61 -12.55 -1.38 1.04
CA THR A 61 -11.56 -0.38 1.44
C THR A 61 -10.14 -0.83 1.13
N LEU A 62 -9.71 -1.97 1.67
CA LEU A 62 -8.40 -2.56 1.38
C LEU A 62 -7.27 -1.55 1.58
N ARG A 63 -7.12 -1.09 2.82
CA ARG A 63 -6.10 -0.10 3.17
C ARG A 63 -5.05 -0.79 4.04
N GLY A 64 -4.05 -1.37 3.40
CA GLY A 64 -2.96 -2.02 4.13
C GLY A 64 -1.60 -1.85 3.48
N HIS A 65 -1.54 -1.13 2.36
CA HIS A 65 -0.31 -0.96 1.61
C HIS A 65 0.26 0.44 1.83
N LEU A 66 1.58 0.56 1.60
CA LEU A 66 2.29 1.82 1.78
C LEU A 66 3.12 2.18 0.55
N ALA A 67 2.87 1.55 -0.60
CA ALA A 67 3.64 1.80 -1.81
C ALA A 67 2.80 1.40 -3.01
N LYS A 68 3.36 1.63 -4.19
CA LYS A 68 2.65 1.32 -5.44
C LYS A 68 2.43 -0.17 -5.57
N ILE A 69 1.25 -0.54 -6.08
CA ILE A 69 0.81 -1.93 -6.16
C ILE A 69 0.84 -2.37 -7.62
N TYR A 70 1.35 -3.58 -7.85
CA TYR A 70 1.38 -4.20 -9.17
C TYR A 70 0.94 -5.66 -9.09
N ALA A 71 -0.17 -5.94 -8.40
CA ALA A 71 -0.52 -7.31 -8.08
C ALA A 71 -2.01 -7.60 -8.27
N MET A 72 -2.27 -8.75 -8.89
CA MET A 72 -3.52 -9.36 -9.37
C MET A 72 -3.36 -10.87 -9.31
N HIS A 73 -4.18 -11.59 -10.10
CA HIS A 73 -4.25 -13.05 -10.10
C HIS A 73 -4.73 -13.58 -8.75
N TRP A 74 -6.01 -13.28 -8.50
CA TRP A 74 -6.74 -13.76 -7.33
C TRP A 74 -6.44 -15.23 -7.03
N GLY A 75 -6.81 -16.11 -7.95
CA GLY A 75 -6.75 -17.54 -7.77
C GLY A 75 -8.05 -18.20 -8.17
N THR A 76 -8.08 -19.52 -8.03
CA THR A 76 -9.26 -20.28 -8.44
C THR A 76 -10.47 -19.98 -7.55
N ASP A 77 -10.24 -19.80 -6.24
CA ASP A 77 -11.35 -19.58 -5.31
C ASP A 77 -12.04 -18.24 -5.53
N SER A 78 -11.38 -17.28 -6.19
CA SER A 78 -11.95 -15.96 -6.48
C SER A 78 -12.38 -15.24 -5.20
N ARG A 79 -11.71 -15.52 -4.09
CA ARG A 79 -11.98 -14.87 -2.82
C ARG A 79 -10.73 -14.26 -2.19
N LEU A 80 -9.59 -14.93 -2.31
CA LEU A 80 -8.32 -14.42 -1.80
C LEU A 80 -7.56 -13.73 -2.93
N LEU A 81 -6.98 -12.57 -2.62
CA LEU A 81 -6.26 -11.78 -3.61
C LEU A 81 -4.86 -11.49 -3.07
N VAL A 82 -3.85 -11.80 -3.87
CA VAL A 82 -2.47 -11.52 -3.50
C VAL A 82 -2.13 -10.09 -3.90
N SER A 83 -1.32 -9.43 -3.08
CA SER A 83 -0.97 -8.03 -3.31
C SER A 83 0.47 -7.79 -2.92
N ALA A 84 1.18 -6.99 -3.72
CA ALA A 84 2.55 -6.62 -3.42
C ALA A 84 2.76 -5.14 -3.70
N SER A 85 3.72 -4.56 -3.00
CA SER A 85 4.06 -3.15 -3.18
C SER A 85 5.58 -3.03 -3.20
N GLN A 86 6.06 -1.80 -3.17
CA GLN A 86 7.49 -1.52 -3.21
C GLN A 86 8.14 -1.57 -1.83
N ASP A 87 7.37 -1.83 -0.78
CA ASP A 87 7.93 -1.98 0.56
C ASP A 87 8.44 -3.39 0.83
N GLY A 88 8.30 -4.30 -0.12
CA GLY A 88 8.77 -5.66 0.06
C GLY A 88 7.88 -6.54 0.90
N LYS A 89 6.57 -6.33 0.84
CA LYS A 89 5.62 -7.13 1.61
C LYS A 89 4.55 -7.69 0.68
N LEU A 90 4.29 -9.00 0.80
CA LEU A 90 3.25 -9.68 0.08
C LEU A 90 2.10 -9.95 1.04
N ILE A 91 0.92 -9.42 0.74
CA ILE A 91 -0.25 -9.49 1.61
C ILE A 91 -1.35 -10.27 0.90
N ILE A 92 -1.94 -11.22 1.59
CA ILE A 92 -3.08 -11.98 1.08
C ILE A 92 -4.34 -11.38 1.69
N TRP A 93 -5.17 -10.79 0.84
CA TRP A 93 -6.39 -10.10 1.25
C TRP A 93 -7.58 -11.02 1.11
N ASP A 94 -8.41 -11.09 2.15
CA ASP A 94 -9.71 -11.74 2.08
C ASP A 94 -10.70 -10.70 1.56
N SER A 95 -11.05 -10.81 0.27
CA SER A 95 -11.86 -9.79 -0.36
C SER A 95 -13.25 -9.69 0.26
N TYR A 96 -13.81 -10.82 0.70
CA TYR A 96 -15.17 -10.82 1.23
C TYR A 96 -15.26 -10.02 2.52
N THR A 97 -14.27 -10.16 3.41
CA THR A 97 -14.34 -9.58 4.74
C THR A 97 -13.30 -8.50 4.99
N THR A 98 -12.54 -8.13 3.97
CA THR A 98 -11.49 -7.10 4.08
C THR A 98 -10.52 -7.45 5.20
N ASN A 99 -9.84 -8.57 5.03
CA ASN A 99 -8.94 -9.11 6.05
C ASN A 99 -7.59 -9.46 5.43
N LYS A 100 -6.57 -9.50 6.27
CA LYS A 100 -5.22 -9.89 5.88
C LYS A 100 -4.95 -11.29 6.37
N VAL A 101 -4.49 -12.16 5.47
CA VAL A 101 -4.24 -13.56 5.82
C VAL A 101 -2.77 -13.74 6.17
N HIS A 102 -1.88 -13.41 5.22
CA HIS A 102 -0.45 -13.58 5.41
C HIS A 102 0.28 -12.30 5.03
N ALA A 103 1.43 -12.08 5.67
CA ALA A 103 2.30 -10.95 5.38
C ALA A 103 3.72 -11.50 5.23
N ILE A 104 4.16 -11.66 3.99
CA ILE A 104 5.46 -12.26 3.68
C ILE A 104 6.44 -11.13 3.42
N PRO A 105 7.50 -10.98 4.23
CA PRO A 105 8.53 -9.97 3.94
C PRO A 105 9.43 -10.43 2.81
N LEU A 106 9.47 -9.65 1.74
CA LEU A 106 10.28 -10.00 0.57
C LEU A 106 11.72 -9.55 0.76
N ARG A 107 12.65 -10.39 0.29
CA ARG A 107 14.07 -10.03 0.37
C ARG A 107 14.37 -8.82 -0.49
N SER A 108 13.79 -8.75 -1.69
CA SER A 108 13.96 -7.61 -2.58
C SER A 108 12.71 -6.75 -2.53
N SER A 109 12.89 -5.47 -2.22
CA SER A 109 11.77 -4.54 -2.12
C SER A 109 11.27 -4.07 -3.47
N TRP A 110 12.04 -4.28 -4.53
CA TRP A 110 11.67 -3.85 -5.88
C TRP A 110 11.13 -5.07 -6.63
N VAL A 111 9.80 -5.23 -6.60
CA VAL A 111 9.15 -6.38 -7.20
C VAL A 111 7.91 -5.90 -7.95
N MET A 112 7.71 -6.42 -9.18
CA MET A 112 6.44 -6.26 -9.89
C MET A 112 6.08 -7.61 -10.56
N THR A 113 5.51 -8.51 -9.77
CA THR A 113 4.96 -9.77 -10.26
C THR A 113 4.28 -10.52 -9.11
N CYS A 114 3.08 -11.05 -9.35
CA CYS A 114 2.40 -11.88 -8.37
C CYS A 114 1.55 -12.93 -9.05
N ALA A 115 1.55 -14.14 -8.49
CA ALA A 115 0.69 -15.21 -8.93
C ALA A 115 0.24 -16.01 -7.71
N TYR A 116 -0.95 -16.59 -7.81
CA TYR A 116 -1.52 -17.35 -6.70
C TYR A 116 -1.59 -18.85 -6.97
N ALA A 117 -1.35 -19.29 -8.20
CA ALA A 117 -1.36 -20.69 -8.63
C ALA A 117 -2.78 -21.26 -8.59
N PRO A 118 -3.12 -22.16 -9.51
CA PRO A 118 -4.44 -22.80 -9.46
C PRO A 118 -4.68 -23.58 -8.17
N SER A 119 -3.63 -24.18 -7.60
CA SER A 119 -3.79 -24.90 -6.34
C SER A 119 -4.10 -23.96 -5.18
N GLY A 120 -3.57 -22.74 -5.22
CA GLY A 120 -3.81 -21.75 -4.19
C GLY A 120 -2.90 -21.85 -2.99
N ASN A 121 -1.93 -22.76 -2.99
CA ASN A 121 -0.99 -22.92 -1.88
C ASN A 121 0.42 -22.45 -2.22
N TYR A 122 0.59 -21.72 -3.32
CA TYR A 122 1.90 -21.18 -3.70
C TYR A 122 1.72 -19.75 -4.17
N VAL A 123 2.68 -18.89 -3.81
CA VAL A 123 2.68 -17.50 -4.24
C VAL A 123 4.03 -17.19 -4.87
N ALA A 124 4.02 -16.64 -6.07
CA ALA A 124 5.23 -16.37 -6.82
C ALA A 124 5.43 -14.87 -7.01
N CYS A 125 6.67 -14.43 -6.91
CA CYS A 125 7.02 -13.01 -7.08
C CYS A 125 8.32 -12.89 -7.87
N GLY A 126 8.53 -11.73 -8.46
CA GLY A 126 9.74 -11.46 -9.21
C GLY A 126 9.86 -10.02 -9.68
N GLY A 127 11.09 -9.53 -9.81
CA GLY A 127 11.30 -8.16 -10.25
C GLY A 127 12.70 -7.88 -10.75
N LEU A 128 13.23 -6.70 -10.41
CA LEU A 128 14.57 -6.30 -10.81
C LEU A 128 15.68 -7.11 -10.16
N ASP A 129 15.35 -7.93 -9.16
CA ASP A 129 16.35 -8.79 -8.54
C ASP A 129 16.80 -9.91 -9.47
N ASN A 130 16.13 -10.08 -10.62
CA ASN A 130 16.38 -11.17 -11.54
C ASN A 130 16.18 -12.53 -10.86
N ILE A 131 15.28 -12.56 -9.89
CA ILE A 131 15.03 -13.73 -9.05
C ILE A 131 13.55 -13.99 -9.00
N CYS A 132 13.16 -15.23 -9.27
CA CYS A 132 11.76 -15.65 -9.15
C CYS A 132 11.62 -16.45 -7.86
N SER A 133 10.85 -15.91 -6.92
CA SER A 133 10.71 -16.50 -5.60
C SER A 133 9.34 -17.17 -5.49
N ILE A 134 9.34 -18.44 -5.12
CA ILE A 134 8.12 -19.21 -4.88
C ILE A 134 8.02 -19.48 -3.38
N TYR A 135 6.92 -19.05 -2.78
CA TYR A 135 6.67 -19.21 -1.35
C TYR A 135 5.52 -20.19 -1.15
N ASN A 136 5.68 -21.08 -0.19
CA ASN A 136 4.67 -22.08 0.14
C ASN A 136 3.73 -21.48 1.18
N LEU A 137 2.43 -21.66 0.97
CA LEU A 137 1.42 -21.13 1.88
C LEU A 137 0.98 -22.16 2.92
N LYS A 138 0.51 -23.32 2.47
CA LYS A 138 0.01 -24.37 3.36
C LYS A 138 1.18 -25.23 3.81
N THR A 139 1.88 -24.74 4.84
CA THR A 139 3.00 -25.44 5.43
C THR A 139 2.66 -25.87 6.86
N ARG A 140 3.45 -26.80 7.39
CA ARG A 140 3.23 -27.27 8.76
C ARG A 140 3.49 -26.17 9.77
N GLU A 141 4.48 -25.31 9.53
CA GLU A 141 4.77 -24.20 10.41
C GLU A 141 3.73 -23.09 10.22
N GLY A 142 3.89 -22.01 10.98
CA GLY A 142 2.96 -20.90 10.91
C GLY A 142 3.42 -19.76 10.04
N ASN A 143 4.67 -19.81 9.60
CA ASN A 143 5.24 -18.77 8.75
C ASN A 143 5.10 -19.15 7.28
N VAL A 144 5.52 -18.24 6.41
CA VAL A 144 5.55 -18.47 4.97
C VAL A 144 7.00 -18.58 4.54
N ARG A 145 7.39 -19.76 4.05
CA ARG A 145 8.75 -20.04 3.67
C ARG A 145 8.92 -19.92 2.15
N VAL A 146 10.10 -19.47 1.74
CA VAL A 146 10.44 -19.39 0.33
C VAL A 146 10.65 -20.82 -0.16
N SER A 147 9.68 -21.36 -0.90
CA SER A 147 9.76 -22.73 -1.37
C SER A 147 10.94 -22.92 -2.30
N ARG A 148 11.17 -21.97 -3.21
CA ARG A 148 12.31 -22.08 -4.11
C ARG A 148 12.70 -20.71 -4.64
N GLU A 149 13.98 -20.58 -4.99
CA GLU A 149 14.54 -19.40 -5.63
C GLU A 149 15.04 -19.81 -7.01
N LEU A 150 14.58 -19.11 -8.05
CA LEU A 150 14.94 -19.41 -9.42
C LEU A 150 15.73 -18.25 -10.02
N ALA A 151 16.87 -18.57 -10.62
CA ALA A 151 17.75 -17.58 -11.22
C ALA A 151 18.16 -18.04 -12.61
N GLY A 152 18.55 -17.08 -13.44
CA GLY A 152 18.94 -17.37 -14.81
C GLY A 152 18.48 -16.30 -15.77
N HIS A 153 17.77 -15.30 -15.27
CA HIS A 153 17.30 -14.18 -16.06
C HIS A 153 18.25 -12.99 -15.87
N THR A 154 18.54 -12.30 -16.97
CA THR A 154 19.40 -11.12 -16.95
C THR A 154 18.61 -9.83 -17.11
N GLY A 155 17.40 -9.78 -16.56
CA GLY A 155 16.56 -8.60 -16.67
C GLY A 155 15.46 -8.64 -15.63
N TYR A 156 14.75 -7.52 -15.53
CA TYR A 156 13.67 -7.42 -14.56
C TYR A 156 12.56 -8.41 -14.88
N LEU A 157 12.07 -9.09 -13.85
CA LEU A 157 11.10 -10.15 -14.04
C LEU A 157 9.72 -9.57 -14.33
N SER A 158 8.91 -10.36 -15.04
CA SER A 158 7.54 -9.99 -15.36
C SER A 158 6.71 -11.27 -15.49
N CYS A 159 5.64 -11.36 -14.69
CA CYS A 159 4.69 -12.46 -14.70
C CYS A 159 5.33 -13.74 -14.18
N CYS A 160 4.57 -14.48 -13.37
CA CYS A 160 5.01 -15.76 -12.80
C CYS A 160 3.91 -16.80 -12.95
N ARG A 161 3.38 -16.91 -14.16
CA ARG A 161 2.24 -17.79 -14.42
C ARG A 161 2.56 -19.23 -14.04
N PHE A 162 1.50 -20.01 -13.84
CA PHE A 162 1.53 -21.22 -13.03
C PHE A 162 0.96 -22.41 -13.80
N LEU A 163 1.59 -22.73 -14.95
CA LEU A 163 1.21 -23.87 -15.79
C LEU A 163 0.69 -25.05 -14.97
N ASP A 164 1.45 -25.47 -13.96
CA ASP A 164 1.03 -26.49 -13.03
C ASP A 164 1.60 -26.14 -11.66
N ASP A 165 1.37 -27.02 -10.69
CA ASP A 165 2.00 -26.85 -9.39
C ASP A 165 3.50 -27.09 -9.43
N ASN A 166 4.02 -27.63 -10.54
CA ASN A 166 5.44 -27.90 -10.69
C ASN A 166 6.13 -27.08 -11.77
N GLN A 167 5.37 -26.41 -12.64
CA GLN A 167 5.93 -25.63 -13.74
C GLN A 167 5.48 -24.18 -13.64
N ILE A 168 6.41 -23.26 -13.87
CA ILE A 168 6.12 -21.83 -13.81
C ILE A 168 6.81 -21.13 -14.98
N VAL A 169 6.06 -20.28 -15.69
CA VAL A 169 6.57 -19.57 -16.85
C VAL A 169 6.65 -18.08 -16.54
N THR A 170 7.79 -17.48 -16.86
CA THR A 170 8.07 -16.07 -16.56
C THR A 170 8.70 -15.41 -17.77
N SER A 171 8.77 -14.08 -17.73
CA SER A 171 9.42 -13.29 -18.76
C SER A 171 10.39 -12.32 -18.10
N SER A 172 11.31 -11.78 -18.89
CA SER A 172 12.30 -10.85 -18.38
C SER A 172 12.57 -9.77 -19.43
N GLY A 173 13.39 -8.80 -19.04
CA GLY A 173 13.81 -7.74 -19.93
C GLY A 173 14.95 -8.10 -20.86
N ASP A 174 15.46 -9.33 -20.77
CA ASP A 174 16.54 -9.79 -21.63
C ASP A 174 16.02 -10.35 -22.96
N THR A 175 14.79 -10.01 -23.34
CA THR A 175 14.18 -10.44 -24.60
C THR A 175 14.04 -11.96 -24.68
N THR A 176 13.89 -12.63 -23.54
CA THR A 176 13.68 -14.07 -23.49
C THR A 176 12.56 -14.40 -22.52
N CYS A 177 11.92 -15.54 -22.76
CA CYS A 177 10.92 -16.10 -21.85
C CYS A 177 11.40 -17.45 -21.36
N ALA A 178 11.05 -17.79 -20.12
CA ALA A 178 11.52 -19.02 -19.52
C ALA A 178 10.38 -19.80 -18.91
N LEU A 179 10.53 -21.12 -18.87
CA LEU A 179 9.60 -22.02 -18.19
C LEU A 179 10.44 -22.96 -17.34
N TRP A 180 10.31 -22.84 -16.03
CA TRP A 180 11.09 -23.55 -15.04
C TRP A 180 10.24 -24.60 -14.34
N ASP A 181 10.92 -25.52 -13.66
CA ASP A 181 10.28 -26.54 -12.83
C ASP A 181 10.37 -26.12 -11.37
N ILE A 182 9.29 -26.37 -10.63
CA ILE A 182 9.27 -26.06 -9.20
C ILE A 182 10.16 -27.03 -8.43
N GLU A 183 10.13 -28.31 -8.78
CA GLU A 183 10.91 -29.29 -8.03
C GLU A 183 12.41 -29.09 -8.23
N THR A 184 12.83 -28.84 -9.47
CA THR A 184 14.24 -28.63 -9.79
C THR A 184 14.45 -27.20 -10.24
N GLY A 185 15.33 -26.47 -9.55
CA GLY A 185 15.58 -25.09 -9.85
C GLY A 185 16.49 -24.88 -11.04
N GLN A 186 16.14 -25.48 -12.18
CA GLN A 186 16.91 -25.37 -13.41
C GLN A 186 15.98 -24.99 -14.56
N GLN A 187 16.56 -24.41 -15.60
CA GLN A 187 15.81 -24.05 -16.79
C GLN A 187 15.30 -25.31 -17.48
N THR A 188 14.04 -25.25 -17.92
CA THR A 188 13.44 -26.36 -18.64
C THR A 188 13.13 -26.01 -20.08
N THR A 189 12.48 -24.87 -20.32
CA THR A 189 12.20 -24.43 -21.68
C THR A 189 12.55 -22.95 -21.82
N THR A 190 13.21 -22.59 -22.91
CA THR A 190 13.61 -21.22 -23.18
C THR A 190 13.07 -20.77 -24.53
N PHE A 191 12.47 -19.58 -24.56
CA PHE A 191 11.96 -18.96 -25.77
C PHE A 191 12.78 -17.71 -26.05
N THR A 192 13.37 -17.63 -27.25
CA THR A 192 14.20 -16.50 -27.66
C THR A 192 13.78 -16.09 -29.07
N GLY A 193 12.80 -15.18 -29.16
CA GLY A 193 12.34 -14.71 -30.45
C GLY A 193 12.00 -13.23 -30.46
N HIS A 194 12.21 -12.56 -29.33
CA HIS A 194 11.83 -11.16 -29.18
C HIS A 194 13.06 -10.27 -29.25
N THR A 195 12.86 -9.05 -29.77
CA THR A 195 13.92 -8.05 -29.86
C THR A 195 13.81 -6.99 -28.77
N GLY A 196 12.85 -7.11 -27.85
CA GLY A 196 12.67 -6.13 -26.80
C GLY A 196 12.25 -6.78 -25.50
N ASP A 197 12.10 -5.96 -24.48
CA ASP A 197 11.69 -6.45 -23.17
C ASP A 197 10.32 -7.10 -23.23
N VAL A 198 10.15 -8.18 -22.49
CA VAL A 198 8.97 -9.04 -22.59
C VAL A 198 8.21 -9.01 -21.27
N MET A 199 6.92 -8.68 -21.35
CA MET A 199 6.00 -8.74 -20.21
C MET A 199 4.70 -9.35 -20.72
N SER A 200 3.65 -9.24 -19.91
CA SER A 200 2.28 -9.54 -20.33
C SER A 200 2.15 -10.99 -20.82
N LEU A 201 2.26 -11.90 -19.86
CA LEU A 201 2.32 -13.34 -20.10
C LEU A 201 1.06 -14.08 -19.68
N SER A 202 -0.12 -13.53 -19.98
CA SER A 202 -1.38 -14.18 -19.57
C SER A 202 -1.45 -15.62 -20.08
N LEU A 203 -1.79 -16.53 -19.18
CA LEU A 203 -1.62 -17.97 -19.40
C LEU A 203 -2.89 -18.65 -19.92
N ALA A 204 -3.51 -18.13 -20.98
CA ALA A 204 -4.56 -18.84 -21.73
C ALA A 204 -5.78 -19.19 -20.87
N PRO A 205 -6.87 -19.68 -21.47
CA PRO A 205 -7.94 -20.27 -20.66
C PRO A 205 -7.70 -21.75 -20.41
N ASP A 206 -6.90 -22.37 -21.27
CA ASP A 206 -6.64 -23.80 -21.22
C ASP A 206 -5.25 -24.13 -20.68
N THR A 207 -4.37 -23.12 -20.59
CA THR A 207 -3.01 -23.26 -20.06
C THR A 207 -2.14 -24.10 -20.99
N ARG A 208 -2.71 -24.55 -22.11
CA ARG A 208 -1.93 -25.30 -23.09
C ARG A 208 -1.01 -24.39 -23.90
N LEU A 209 -1.30 -23.09 -23.96
CA LEU A 209 -0.52 -22.15 -24.72
C LEU A 209 -0.36 -20.86 -23.91
N PHE A 210 0.43 -19.93 -24.44
CA PHE A 210 0.56 -18.62 -23.84
C PHE A 210 1.12 -17.65 -24.87
N VAL A 211 0.97 -16.36 -24.58
CA VAL A 211 1.44 -15.29 -25.44
C VAL A 211 2.30 -14.34 -24.61
N SER A 212 3.18 -13.63 -25.31
CA SER A 212 4.10 -12.68 -24.70
C SER A 212 4.08 -11.39 -25.50
N GLY A 213 3.89 -10.28 -24.82
CA GLY A 213 3.90 -8.98 -25.46
C GLY A 213 5.20 -8.24 -25.23
N ALA A 214 6.00 -8.07 -26.28
CA ALA A 214 7.31 -7.45 -26.15
C ALA A 214 7.18 -5.93 -26.22
N CYS A 215 8.34 -5.26 -26.22
CA CYS A 215 8.40 -3.81 -26.25
C CYS A 215 8.59 -3.24 -27.65
N ASP A 216 8.56 -4.09 -28.68
CA ASP A 216 8.71 -3.64 -30.05
C ASP A 216 7.41 -3.87 -30.84
N ALA A 217 6.28 -3.66 -30.17
CA ALA A 217 4.96 -3.80 -30.79
C ALA A 217 4.74 -5.18 -31.40
N SER A 218 5.22 -6.22 -30.70
CA SER A 218 5.09 -7.59 -31.16
C SER A 218 4.51 -8.44 -30.05
N ALA A 219 3.47 -9.20 -30.38
CA ALA A 219 2.89 -10.19 -29.48
C ALA A 219 3.06 -11.56 -30.09
N LYS A 220 3.79 -12.44 -29.42
CA LYS A 220 4.16 -13.74 -29.96
C LYS A 220 3.56 -14.86 -29.12
N LEU A 221 2.95 -15.83 -29.79
CA LEU A 221 2.38 -17.00 -29.12
C LEU A 221 3.41 -18.12 -29.13
N TRP A 222 3.61 -18.75 -27.97
CA TRP A 222 4.61 -19.79 -27.82
C TRP A 222 3.98 -21.09 -27.36
N ASP A 223 4.41 -22.20 -27.96
CA ASP A 223 3.99 -23.52 -27.53
C ASP A 223 4.73 -23.91 -26.26
N VAL A 224 3.99 -24.35 -25.25
CA VAL A 224 4.61 -24.73 -23.98
C VAL A 224 5.44 -26.00 -24.14
N ARG A 225 4.87 -27.01 -24.80
CA ARG A 225 5.58 -28.29 -24.94
C ARG A 225 6.63 -28.22 -26.04
N GLU A 226 6.24 -27.75 -27.23
CA GLU A 226 7.19 -27.67 -28.34
C GLU A 226 8.30 -26.67 -28.05
N GLY A 227 7.97 -25.55 -27.43
CA GLY A 227 8.98 -24.56 -27.10
C GLY A 227 9.39 -23.66 -28.24
N MET A 228 8.57 -23.55 -29.29
CA MET A 228 8.88 -22.71 -30.43
C MET A 228 7.72 -21.76 -30.70
N CYS A 229 8.05 -20.62 -31.30
CA CYS A 229 7.03 -19.63 -31.65
C CYS A 229 6.18 -20.14 -32.80
N ARG A 230 4.90 -19.75 -32.78
CA ARG A 230 3.95 -20.14 -33.80
C ARG A 230 3.32 -18.97 -34.53
N GLN A 231 2.93 -17.91 -33.82
CA GLN A 231 2.29 -16.78 -34.45
C GLN A 231 2.83 -15.47 -33.88
N THR A 232 2.99 -14.49 -34.76
CA THR A 232 3.49 -13.16 -34.40
C THR A 232 2.48 -12.12 -34.86
N PHE A 233 2.12 -11.20 -33.96
CA PHE A 233 1.13 -10.17 -34.21
C PHE A 233 1.78 -8.81 -34.03
N THR A 234 1.77 -8.00 -35.09
CA THR A 234 2.31 -6.65 -35.06
C THR A 234 1.23 -5.69 -35.56
N GLY A 235 0.61 -4.97 -34.63
CA GLY A 235 -0.42 -4.02 -35.00
C GLY A 235 -0.30 -2.70 -34.27
N HIS A 236 0.63 -2.62 -33.33
CA HIS A 236 0.85 -1.42 -32.53
C HIS A 236 2.01 -0.61 -33.10
N GLU A 237 2.11 0.63 -32.66
CA GLU A 237 3.18 1.53 -33.07
C GLU A 237 4.17 1.80 -31.94
N SER A 238 4.06 1.09 -30.82
CA SER A 238 4.94 1.31 -29.69
C SER A 238 4.91 0.06 -28.81
N ASP A 239 5.56 0.14 -27.66
CA ASP A 239 5.71 -1.01 -26.77
C ASP A 239 4.38 -1.46 -26.20
N ILE A 240 4.25 -2.76 -26.01
CA ILE A 240 3.05 -3.39 -25.46
C ILE A 240 3.36 -3.81 -24.03
N ASN A 241 2.49 -3.42 -23.09
CA ASN A 241 2.71 -3.69 -21.68
C ASN A 241 1.49 -4.29 -21.00
N ALA A 242 0.55 -4.85 -21.78
CA ALA A 242 -0.62 -5.51 -21.22
C ALA A 242 -1.08 -6.58 -22.19
N ILE A 243 -1.83 -7.56 -21.66
CA ILE A 243 -2.31 -8.68 -22.46
C ILE A 243 -3.46 -9.34 -21.72
N CYS A 244 -4.30 -10.05 -22.47
CA CYS A 244 -5.30 -10.95 -21.91
C CYS A 244 -5.36 -12.17 -22.83
N PHE A 245 -6.38 -13.00 -22.66
CA PHE A 245 -6.51 -14.15 -23.54
C PHE A 245 -7.95 -14.45 -23.96
N PHE A 246 -8.93 -13.63 -23.57
CA PHE A 246 -10.31 -13.79 -24.02
C PHE A 246 -10.81 -15.21 -23.75
N PRO A 247 -11.25 -15.52 -22.51
CA PRO A 247 -11.34 -16.92 -22.06
C PRO A 247 -12.05 -17.88 -23.00
N ASN A 248 -12.68 -17.38 -24.06
CA ASN A 248 -13.08 -18.25 -25.16
C ASN A 248 -11.89 -19.00 -25.72
N GLY A 249 -10.74 -18.34 -25.83
CA GLY A 249 -9.51 -18.97 -26.25
C GLY A 249 -9.12 -18.77 -27.69
N ASN A 250 -9.81 -17.89 -28.44
CA ASN A 250 -9.51 -17.67 -29.85
C ASN A 250 -9.08 -16.26 -30.16
N ALA A 251 -8.80 -15.44 -29.15
CA ALA A 251 -8.38 -14.06 -29.37
C ALA A 251 -7.68 -13.56 -28.11
N PHE A 252 -7.04 -12.40 -28.23
CA PHE A 252 -6.39 -11.79 -27.08
C PHE A 252 -6.26 -10.28 -27.31
N ALA A 253 -6.34 -9.54 -26.22
CA ALA A 253 -6.25 -8.08 -26.26
C ALA A 253 -4.87 -7.61 -25.83
N THR A 254 -4.42 -6.54 -26.47
CA THR A 254 -3.10 -5.96 -26.22
C THR A 254 -3.24 -4.49 -25.90
N GLY A 255 -2.51 -4.04 -24.89
CA GLY A 255 -2.47 -2.63 -24.51
C GLY A 255 -1.06 -2.08 -24.61
N SER A 256 -0.95 -0.85 -25.08
CA SER A 256 0.33 -0.21 -25.33
C SER A 256 0.43 1.10 -24.54
N ASP A 257 1.63 1.69 -24.56
CA ASP A 257 1.85 2.95 -23.86
C ASP A 257 1.13 4.12 -24.52
N ASP A 258 0.67 3.96 -25.76
CA ASP A 258 -0.21 4.93 -26.39
C ASP A 258 -1.66 4.51 -26.16
N ALA A 259 -2.56 5.49 -26.12
CA ALA A 259 -3.94 5.27 -25.69
C ALA A 259 -4.71 4.52 -26.76
N THR A 260 -4.42 3.22 -26.86
CA THR A 260 -5.16 2.35 -27.76
C THR A 260 -4.99 0.90 -27.30
N CYS A 261 -6.03 0.11 -27.55
CA CYS A 261 -6.00 -1.32 -27.29
C CYS A 261 -6.40 -2.04 -28.58
N ARG A 262 -5.85 -3.23 -28.79
CA ARG A 262 -6.07 -3.95 -30.04
C ARG A 262 -6.48 -5.38 -29.73
N LEU A 263 -7.48 -5.89 -30.46
CA LEU A 263 -7.92 -7.28 -30.29
C LEU A 263 -7.39 -8.10 -31.47
N PHE A 264 -6.45 -8.99 -31.18
CA PHE A 264 -5.85 -9.86 -32.19
C PHE A 264 -6.50 -11.23 -32.10
N ASP A 265 -7.06 -11.69 -33.22
CA ASP A 265 -7.67 -13.00 -33.27
C ASP A 265 -6.60 -14.07 -33.49
N LEU A 266 -6.84 -15.26 -32.95
CA LEU A 266 -5.84 -16.32 -32.99
C LEU A 266 -5.94 -17.11 -34.29
N ARG A 267 -7.12 -17.64 -34.60
CA ARG A 267 -7.30 -18.40 -35.84
C ARG A 267 -7.11 -17.51 -37.06
N ALA A 268 -7.66 -16.29 -37.03
CA ALA A 268 -7.51 -15.37 -38.16
C ALA A 268 -6.09 -14.85 -38.30
N ASP A 269 -5.31 -14.87 -37.22
CA ASP A 269 -3.91 -14.43 -37.22
C ASP A 269 -3.78 -12.97 -37.67
N GLN A 270 -4.77 -12.14 -37.34
CA GLN A 270 -4.72 -10.73 -37.70
C GLN A 270 -5.62 -9.95 -36.76
N GLU A 271 -5.37 -8.64 -36.71
CA GLU A 271 -6.17 -7.74 -35.88
C GLU A 271 -7.61 -7.70 -36.35
N LEU A 272 -8.54 -7.74 -35.39
CA LEU A 272 -9.95 -7.56 -35.71
C LEU A 272 -10.36 -6.10 -35.62
N MET A 273 -10.16 -5.48 -34.45
CA MET A 273 -10.46 -4.06 -34.30
C MET A 273 -9.74 -3.52 -33.07
N THR A 274 -9.74 -2.20 -32.95
CA THR A 274 -9.05 -1.50 -31.89
C THR A 274 -9.99 -0.54 -31.17
N TYR A 275 -9.72 -0.35 -29.88
CA TYR A 275 -10.42 0.62 -29.06
C TYR A 275 -9.51 1.81 -28.82
N SER A 276 -9.97 3.00 -29.19
CA SER A 276 -9.18 4.20 -29.03
C SER A 276 -10.12 5.40 -28.99
N HIS A 277 -9.61 6.52 -28.46
CA HIS A 277 -10.39 7.75 -28.40
C HIS A 277 -9.43 8.93 -28.41
N ASP A 278 -9.87 10.03 -29.01
CA ASP A 278 -9.05 11.23 -29.07
C ASP A 278 -8.98 11.96 -27.73
N ASN A 279 -9.88 11.65 -26.81
CA ASN A 279 -9.89 12.31 -25.50
C ASN A 279 -8.86 11.74 -24.54
N ILE A 280 -8.21 10.63 -24.90
CA ILE A 280 -7.23 9.98 -24.04
C ILE A 280 -5.89 9.92 -24.76
N ILE A 281 -4.83 10.29 -24.07
CA ILE A 281 -3.49 10.25 -24.62
C ILE A 281 -2.53 9.39 -23.79
N CYS A 282 -2.84 9.13 -22.52
CA CYS A 282 -1.91 8.46 -21.63
C CYS A 282 -1.80 6.97 -21.96
N GLY A 283 -1.08 6.25 -21.10
CA GLY A 283 -0.78 4.86 -21.34
C GLY A 283 -1.89 3.90 -20.93
N ILE A 284 -1.62 2.62 -21.13
CA ILE A 284 -2.55 1.54 -20.82
C ILE A 284 -1.78 0.46 -20.09
N THR A 285 -2.36 -0.09 -19.03
CA THR A 285 -1.79 -1.21 -18.31
C THR A 285 -2.91 -2.18 -17.94
N SER A 286 -2.52 -3.41 -17.62
CA SER A 286 -3.41 -4.36 -16.96
C SER A 286 -4.70 -4.61 -17.73
N VAL A 287 -4.60 -5.19 -18.93
CA VAL A 287 -5.75 -5.53 -19.75
C VAL A 287 -6.31 -6.86 -19.25
N SER A 288 -7.61 -6.90 -18.97
CA SER A 288 -8.28 -8.12 -18.54
C SER A 288 -9.61 -8.24 -19.26
N PHE A 289 -10.18 -9.45 -19.18
CA PHE A 289 -11.45 -9.75 -19.82
C PHE A 289 -12.41 -10.35 -18.81
N SER A 290 -13.70 -10.18 -19.06
CA SER A 290 -14.71 -10.80 -18.22
C SER A 290 -14.83 -12.29 -18.58
N LYS A 291 -15.64 -13.00 -17.79
CA LYS A 291 -15.83 -14.43 -18.02
C LYS A 291 -16.57 -14.73 -19.30
N SER A 292 -17.22 -13.73 -19.92
CA SER A 292 -17.92 -13.92 -21.17
C SER A 292 -17.28 -13.17 -22.34
N GLY A 293 -16.33 -12.28 -22.08
CA GLY A 293 -15.68 -11.54 -23.13
C GLY A 293 -16.43 -10.32 -23.62
N ARG A 294 -17.57 -9.98 -22.99
CA ARG A 294 -18.33 -8.82 -23.41
C ARG A 294 -17.63 -7.52 -23.08
N LEU A 295 -16.90 -7.48 -21.98
CA LEU A 295 -16.30 -6.25 -21.47
C LEU A 295 -14.79 -6.38 -21.45
N LEU A 296 -14.10 -5.25 -21.68
CA LEU A 296 -12.65 -5.18 -21.57
C LEU A 296 -12.29 -4.06 -20.60
N LEU A 297 -11.52 -4.39 -19.58
CA LEU A 297 -11.16 -3.41 -18.55
C LEU A 297 -9.66 -3.16 -18.60
N ALA A 298 -9.27 -1.89 -18.66
CA ALA A 298 -7.87 -1.53 -18.75
C ALA A 298 -7.57 -0.34 -17.85
N GLY A 299 -6.50 -0.44 -17.06
CA GLY A 299 -6.12 0.66 -16.20
C GLY A 299 -5.29 1.68 -16.96
N TYR A 300 -5.85 2.85 -17.20
CA TYR A 300 -5.14 3.87 -17.95
C TYR A 300 -4.23 4.65 -17.01
N ASP A 301 -3.47 5.59 -17.57
CA ASP A 301 -2.51 6.37 -16.80
C ASP A 301 -3.03 7.75 -16.42
N ASP A 302 -4.31 8.03 -16.63
CA ASP A 302 -4.92 9.29 -16.21
C ASP A 302 -5.70 9.11 -14.91
N PHE A 303 -5.18 8.28 -14.01
CA PHE A 303 -5.68 8.09 -12.65
C PHE A 303 -7.05 7.40 -12.61
N ASN A 304 -7.42 6.68 -13.66
CA ASN A 304 -8.69 5.97 -13.67
C ASN A 304 -8.63 4.83 -14.68
N CYS A 305 -9.56 3.90 -14.53
CA CYS A 305 -9.69 2.75 -15.42
C CYS A 305 -10.80 2.97 -16.42
N ASN A 306 -10.71 2.26 -17.54
CA ASN A 306 -11.69 2.36 -18.62
C ASN A 306 -12.23 0.99 -18.95
N VAL A 307 -13.55 0.91 -19.14
CA VAL A 307 -14.23 -0.32 -19.53
C VAL A 307 -14.82 -0.10 -20.91
N TRP A 308 -14.37 -0.89 -21.87
CA TRP A 308 -14.78 -0.82 -23.27
C TRP A 308 -15.66 -2.02 -23.61
N ASP A 309 -16.54 -1.82 -24.59
CA ASP A 309 -17.30 -2.92 -25.17
C ASP A 309 -16.41 -3.68 -26.13
N ALA A 310 -16.12 -4.94 -25.82
CA ALA A 310 -15.15 -5.73 -26.56
C ALA A 310 -15.71 -6.34 -27.84
N LEU A 311 -16.86 -5.89 -28.31
CA LEU A 311 -17.44 -6.46 -29.52
C LEU A 311 -17.63 -5.45 -30.65
N LYS A 312 -18.11 -4.25 -30.36
CA LYS A 312 -18.35 -3.26 -31.41
C LYS A 312 -17.23 -2.22 -31.51
N ALA A 313 -17.03 -1.42 -30.45
CA ALA A 313 -16.07 -0.33 -30.41
C ALA A 313 -16.32 0.59 -29.23
N ASP A 314 -17.59 0.91 -28.97
CA ASP A 314 -17.95 2.00 -28.08
C ASP A 314 -17.52 1.74 -26.65
N ARG A 315 -17.33 2.82 -25.89
CA ARG A 315 -16.98 2.72 -24.49
C ARG A 315 -18.18 2.22 -23.68
N ALA A 316 -17.87 1.67 -22.51
CA ALA A 316 -18.90 1.20 -21.58
C ALA A 316 -18.92 1.96 -20.26
N GLY A 317 -17.76 2.32 -19.72
CA GLY A 317 -17.75 3.03 -18.45
C GLY A 317 -16.36 3.50 -18.07
N VAL A 318 -16.31 4.33 -17.04
CA VAL A 318 -15.07 4.85 -16.49
C VAL A 318 -15.09 4.65 -14.98
N LEU A 319 -14.02 4.09 -14.44
CA LEU A 319 -13.88 3.86 -13.00
C LEU A 319 -12.83 4.84 -12.48
N ALA A 320 -13.30 5.94 -11.88
CA ALA A 320 -12.45 7.03 -11.45
C ALA A 320 -12.15 7.02 -9.96
N GLY A 321 -12.46 5.93 -9.26
CA GLY A 321 -12.23 5.86 -7.83
C GLY A 321 -10.79 5.60 -7.45
N HIS A 322 -9.87 6.43 -7.93
CA HIS A 322 -8.46 6.28 -7.60
C HIS A 322 -7.78 7.64 -7.67
N ASP A 323 -6.64 7.75 -7.00
CA ASP A 323 -5.88 8.98 -6.92
C ASP A 323 -4.58 8.96 -7.72
N ASN A 324 -4.00 7.78 -7.94
CA ASN A 324 -2.76 7.65 -8.70
C ASN A 324 -2.99 6.75 -9.91
N ARG A 325 -1.94 6.55 -10.69
CA ARG A 325 -2.05 5.76 -11.91
C ARG A 325 -2.33 4.30 -11.57
N VAL A 326 -3.33 3.73 -12.23
CA VAL A 326 -3.68 2.33 -12.02
C VAL A 326 -2.67 1.45 -12.74
N SER A 327 -2.08 0.51 -11.99
CA SER A 327 -1.04 -0.36 -12.53
C SER A 327 -1.47 -1.80 -12.70
N CYS A 328 -2.34 -2.32 -11.83
CA CYS A 328 -2.81 -3.69 -11.94
C CYS A 328 -4.33 -3.70 -11.94
N LEU A 329 -4.91 -4.66 -12.66
CA LEU A 329 -6.36 -4.73 -12.79
C LEU A 329 -6.72 -6.11 -13.31
N GLY A 330 -7.69 -6.74 -12.64
CA GLY A 330 -8.05 -8.10 -13.00
C GLY A 330 -9.48 -8.41 -12.63
N VAL A 331 -9.97 -9.53 -13.18
CA VAL A 331 -11.33 -9.99 -12.94
C VAL A 331 -11.26 -11.41 -12.41
N THR A 332 -12.19 -11.72 -11.50
CA THR A 332 -12.23 -13.05 -10.91
C THR A 332 -12.65 -14.09 -11.94
N ASP A 333 -12.38 -15.36 -11.62
CA ASP A 333 -12.71 -16.44 -12.54
C ASP A 333 -14.21 -16.53 -12.78
N ASP A 334 -15.02 -16.37 -11.73
CA ASP A 334 -16.47 -16.35 -11.89
C ASP A 334 -16.98 -15.00 -12.36
N GLY A 335 -16.12 -14.00 -12.47
CA GLY A 335 -16.55 -12.69 -12.94
C GLY A 335 -17.40 -11.92 -11.97
N MET A 336 -17.32 -12.22 -10.67
CA MET A 336 -18.16 -11.55 -9.70
C MET A 336 -17.77 -10.07 -9.57
N ALA A 337 -16.49 -9.79 -9.37
CA ALA A 337 -16.04 -8.43 -9.11
C ALA A 337 -14.69 -8.21 -9.79
N VAL A 338 -14.29 -6.94 -9.86
CA VAL A 338 -13.06 -6.54 -10.53
C VAL A 338 -12.14 -5.87 -9.52
N ALA A 339 -10.90 -6.34 -9.44
CA ALA A 339 -9.91 -5.76 -8.54
C ALA A 339 -9.01 -4.80 -9.30
N THR A 340 -8.71 -3.67 -8.67
CA THR A 340 -7.89 -2.63 -9.28
C THR A 340 -6.90 -2.10 -8.25
N GLY A 341 -5.63 -2.07 -8.61
CA GLY A 341 -4.59 -1.55 -7.74
C GLY A 341 -3.78 -0.49 -8.47
N SER A 342 -3.60 0.66 -7.81
CA SER A 342 -2.91 1.80 -8.37
C SER A 342 -1.66 2.10 -7.53
N TRP A 343 -1.01 3.22 -7.85
CA TRP A 343 0.23 3.61 -7.18
C TRP A 343 -0.01 4.33 -5.87
N ASP A 344 -1.25 4.59 -5.48
CA ASP A 344 -1.55 5.26 -4.23
C ASP A 344 -1.72 4.28 -3.06
N SER A 345 -1.19 3.06 -3.20
CA SER A 345 -1.26 2.04 -2.15
C SER A 345 -2.70 1.71 -1.76
N PHE A 346 -3.61 1.77 -2.72
CA PHE A 346 -5.02 1.51 -2.48
C PHE A 346 -5.51 0.44 -3.44
N LEU A 347 -6.20 -0.56 -2.93
CA LEU A 347 -6.83 -1.60 -3.74
C LEU A 347 -8.34 -1.44 -3.65
N LYS A 348 -9.00 -1.45 -4.81
CA LYS A 348 -10.43 -1.25 -4.90
C LYS A 348 -11.08 -2.45 -5.57
N ILE A 349 -12.30 -2.78 -5.13
CA ILE A 349 -13.07 -3.88 -5.68
C ILE A 349 -14.39 -3.31 -6.22
N TRP A 350 -14.64 -3.54 -7.50
CA TRP A 350 -15.76 -2.96 -8.22
C TRP A 350 -16.80 -4.03 -8.50
N ASN A 351 -18.07 -3.70 -8.26
CA ASN A 351 -19.19 -4.60 -8.44
C ASN A 351 -20.34 -3.87 -9.11
N GLY A 352 -21.22 -4.65 -9.72
CA GLY A 352 -22.41 -4.08 -10.32
C GLY A 352 -23.51 -3.82 -9.30
N SER A 353 -24.57 -3.18 -9.77
CA SER A 353 -25.71 -2.85 -8.91
C SER A 353 -27.03 -3.06 -9.63
N VAL B 40 7.36 -30.01 13.99
CA VAL B 40 6.41 -29.53 14.97
C VAL B 40 6.34 -30.49 16.16
N GLN B 41 6.45 -29.94 17.36
CA GLN B 41 6.39 -30.74 18.59
C GLN B 41 5.92 -29.89 19.74
N LEU B 42 5.03 -30.44 20.55
CA LEU B 42 4.50 -29.79 21.75
C LEU B 42 4.73 -30.73 22.92
N VAL B 43 5.43 -30.26 23.95
CA VAL B 43 5.69 -31.07 25.13
C VAL B 43 5.34 -30.26 26.37
N GLU B 44 4.64 -30.89 27.32
CA GLU B 44 4.13 -30.22 28.49
C GLU B 44 4.69 -30.85 29.75
N SER B 45 4.82 -30.05 30.80
CA SER B 45 5.35 -30.51 32.07
C SER B 45 4.68 -29.74 33.21
N GLY B 46 4.76 -30.32 34.40
CA GLY B 46 4.18 -29.70 35.58
C GLY B 46 3.17 -30.57 36.29
N GLY B 47 3.11 -31.85 35.92
CA GLY B 47 2.16 -32.77 36.52
C GLY B 47 2.63 -33.32 37.84
N GLY B 48 1.75 -34.10 38.46
CA GLY B 48 2.04 -34.72 39.73
C GLY B 48 0.79 -34.78 40.58
N LEU B 49 0.98 -35.15 41.84
CA LEU B 49 -0.10 -35.25 42.81
C LEU B 49 0.00 -34.11 43.80
N VAL B 50 -1.10 -33.39 43.98
CA VAL B 50 -1.13 -32.20 44.84
C VAL B 50 -2.39 -32.24 45.69
N GLN B 51 -2.25 -31.80 46.94
CA GLN B 51 -3.37 -31.73 47.87
C GLN B 51 -4.36 -30.66 47.42
N PRO B 52 -5.64 -30.81 47.77
CA PRO B 52 -6.64 -29.81 47.38
C PRO B 52 -6.32 -28.44 47.96
N GLY B 53 -6.67 -27.41 47.20
CA GLY B 53 -6.42 -26.04 47.61
C GLY B 53 -5.06 -25.50 47.25
N GLY B 54 -4.19 -26.31 46.65
CA GLY B 54 -2.87 -25.86 46.27
C GLY B 54 -2.88 -25.12 44.94
N SER B 55 -1.70 -24.62 44.58
CA SER B 55 -1.49 -23.92 43.32
C SER B 55 -0.36 -24.57 42.56
N ARG B 56 -0.54 -24.70 41.24
CA ARG B 56 0.46 -25.36 40.41
C ARG B 56 0.39 -24.81 39.00
N LYS B 57 1.53 -24.80 38.32
CA LYS B 57 1.63 -24.28 36.96
C LYS B 57 2.09 -25.38 36.01
N LEU B 58 1.51 -25.38 34.81
CA LEU B 58 1.92 -26.26 33.73
C LEU B 58 2.58 -25.43 32.63
N SER B 59 3.71 -25.91 32.14
CA SER B 59 4.45 -25.26 31.06
C SER B 59 4.41 -26.12 29.82
N CYS B 60 3.96 -25.53 28.71
CA CYS B 60 3.87 -26.20 27.41
C CYS B 60 4.86 -25.51 26.47
N SER B 61 5.87 -26.25 26.03
CA SER B 61 6.90 -25.72 25.15
C SER B 61 6.75 -26.32 23.76
N ALA B 62 6.87 -25.47 22.75
CA ALA B 62 6.70 -25.84 21.36
C ALA B 62 8.02 -25.67 20.61
N SER B 63 8.38 -26.68 19.82
CA SER B 63 9.57 -26.63 18.98
C SER B 63 9.20 -27.12 17.59
N GLY B 64 9.31 -26.24 16.60
CA GLY B 64 9.05 -26.59 15.21
C GLY B 64 8.07 -25.70 14.48
N PHE B 65 7.52 -24.66 15.09
CA PHE B 65 6.61 -23.76 14.40
C PHE B 65 6.64 -22.39 15.09
N ALA B 66 5.89 -21.45 14.53
CA ALA B 66 5.85 -20.07 15.03
C ALA B 66 4.83 -20.00 16.16
N PHE B 67 5.34 -19.92 17.40
CA PHE B 67 4.47 -19.82 18.56
C PHE B 67 3.80 -18.46 18.64
N SER B 68 4.51 -17.40 18.26
CA SER B 68 4.03 -16.03 18.47
C SER B 68 2.81 -15.69 17.63
N SER B 69 2.49 -16.48 16.60
CA SER B 69 1.36 -16.20 15.73
C SER B 69 0.24 -17.22 15.86
N PHE B 70 0.27 -18.07 16.88
CA PHE B 70 -0.70 -19.14 17.05
C PHE B 70 -1.45 -18.99 18.36
N GLY B 71 -2.76 -19.15 18.31
CA GLY B 71 -3.53 -19.27 19.54
C GLY B 71 -3.35 -20.64 20.17
N MET B 72 -3.48 -20.69 21.49
CA MET B 72 -3.25 -21.91 22.24
C MET B 72 -4.44 -22.22 23.14
N HIS B 73 -4.81 -23.50 23.18
CA HIS B 73 -5.92 -23.97 24.00
C HIS B 73 -5.43 -25.03 24.97
N TRP B 74 -6.15 -25.15 26.09
CA TRP B 74 -5.93 -26.21 27.06
C TRP B 74 -7.18 -27.07 27.16
N VAL B 75 -7.01 -28.39 27.03
CA VAL B 75 -8.13 -29.32 27.03
C VAL B 75 -7.87 -30.39 28.08
N ARG B 76 -8.82 -30.58 28.99
CA ARG B 76 -8.68 -31.54 30.07
C ARG B 76 -9.50 -32.80 29.78
N GLN B 77 -8.90 -33.96 30.05
CA GLN B 77 -9.55 -35.25 29.85
C GLN B 77 -9.63 -35.99 31.17
N ALA B 78 -10.84 -36.39 31.55
CA ALA B 78 -11.01 -37.21 32.74
C ALA B 78 -10.45 -38.60 32.50
N PRO B 79 -10.08 -39.32 33.57
CA PRO B 79 -9.52 -40.67 33.38
C PRO B 79 -10.44 -41.62 32.64
N GLU B 80 -11.76 -41.50 32.83
CA GLU B 80 -12.71 -42.37 32.16
C GLU B 80 -13.78 -41.64 31.37
N LYS B 81 -13.96 -40.34 31.56
CA LYS B 81 -14.95 -39.57 30.84
C LYS B 81 -14.33 -38.93 29.61
N GLY B 82 -15.09 -38.07 28.94
CA GLY B 82 -14.64 -37.45 27.71
C GLY B 82 -13.77 -36.23 27.93
N LEU B 83 -13.34 -35.64 26.82
CA LEU B 83 -12.51 -34.45 26.85
C LEU B 83 -13.32 -33.24 27.28
N GLU B 84 -12.62 -32.22 27.78
CA GLU B 84 -13.25 -31.00 28.24
C GLU B 84 -12.34 -29.81 27.99
N TRP B 85 -12.94 -28.64 27.83
CA TRP B 85 -12.22 -27.40 27.57
C TRP B 85 -11.82 -26.72 28.88
N VAL B 86 -10.70 -25.99 28.84
CA VAL B 86 -10.20 -25.32 30.04
C VAL B 86 -10.08 -23.82 29.77
N ALA B 87 -9.25 -23.44 28.80
CA ALA B 87 -8.99 -22.04 28.53
C ALA B 87 -8.32 -21.90 27.17
N TYR B 88 -8.22 -20.66 26.70
CA TYR B 88 -7.58 -20.38 25.43
C TYR B 88 -7.05 -18.95 25.43
N ILE B 89 -5.89 -18.76 24.83
CA ILE B 89 -5.25 -17.45 24.70
C ILE B 89 -4.86 -17.24 23.24
N SER B 90 -5.22 -16.09 22.69
CA SER B 90 -4.98 -15.79 21.29
C SER B 90 -3.52 -15.37 21.07
N SER B 91 -3.13 -15.29 19.81
CA SER B 91 -1.81 -14.82 19.46
C SER B 91 -1.64 -13.36 19.85
N GLY B 92 -0.49 -13.05 20.44
CA GLY B 92 -0.26 -11.71 20.95
C GLY B 92 -0.95 -11.40 22.26
N SER B 93 -1.55 -12.40 22.92
CA SER B 93 -2.26 -12.22 24.18
C SER B 93 -3.35 -11.17 24.07
N GLY B 94 -4.07 -11.18 22.95
CA GLY B 94 -5.13 -10.22 22.73
C GLY B 94 -6.42 -10.58 23.45
N THR B 95 -6.96 -11.76 23.13
CA THR B 95 -8.20 -12.23 23.73
C THR B 95 -7.94 -13.52 24.48
N ILE B 96 -8.39 -13.57 25.74
CA ILE B 96 -8.21 -14.74 26.60
C ILE B 96 -9.58 -15.15 27.12
N TYR B 97 -9.89 -16.44 27.04
CA TYR B 97 -11.16 -16.97 27.50
C TYR B 97 -10.92 -18.18 28.39
N TYR B 98 -11.84 -18.40 29.32
CA TYR B 98 -11.77 -19.50 30.28
C TYR B 98 -13.11 -20.24 30.29
N ALA B 99 -13.06 -21.46 30.82
CA ALA B 99 -14.28 -22.25 30.95
C ALA B 99 -15.17 -21.70 32.07
N ASP B 100 -16.43 -22.13 32.06
CA ASP B 100 -17.37 -21.66 33.05
C ASP B 100 -16.96 -22.07 34.47
N THR B 101 -16.49 -23.31 34.61
CA THR B 101 -16.12 -23.82 35.93
C THR B 101 -14.78 -23.30 36.42
N VAL B 102 -13.98 -22.69 35.55
CA VAL B 102 -12.66 -22.16 35.93
C VAL B 102 -12.55 -20.66 35.73
N LYS B 103 -13.63 -19.98 35.34
CA LYS B 103 -13.57 -18.56 35.07
C LYS B 103 -13.25 -17.79 36.36
N GLY B 104 -12.31 -16.87 36.26
CA GLY B 104 -11.92 -16.03 37.39
C GLY B 104 -11.00 -16.69 38.39
N ARG B 105 -10.58 -17.93 38.14
CA ARG B 105 -9.71 -18.66 39.08
C ARG B 105 -8.38 -19.05 38.46
N PHE B 106 -8.39 -19.64 37.26
CA PHE B 106 -7.16 -19.99 36.58
C PHE B 106 -6.56 -18.76 35.90
N THR B 107 -5.27 -18.85 35.59
CA THR B 107 -4.59 -17.79 34.86
C THR B 107 -3.71 -18.41 33.79
N ILE B 108 -3.53 -17.67 32.69
CA ILE B 108 -2.73 -18.13 31.57
C ILE B 108 -1.83 -17.01 31.09
N SER B 109 -0.73 -17.39 30.44
CA SER B 109 0.22 -16.42 29.89
C SER B 109 1.11 -17.13 28.88
N ARG B 110 1.79 -16.33 28.07
CA ARG B 110 2.73 -16.86 27.09
C ARG B 110 3.99 -16.01 27.09
N ASP B 111 5.11 -16.62 26.71
CA ASP B 111 6.34 -15.89 26.40
C ASP B 111 6.82 -16.36 25.03
N ASP B 112 6.62 -15.52 24.03
CA ASP B 112 7.05 -15.84 22.67
C ASP B 112 8.58 -15.95 22.54
N PRO B 113 9.39 -15.04 23.09
CA PRO B 113 10.85 -15.23 22.99
C PRO B 113 11.33 -16.55 23.57
N LYS B 114 10.69 -17.03 24.65
CA LYS B 114 10.96 -18.35 25.17
C LYS B 114 10.12 -19.43 24.52
N ASN B 115 9.15 -19.05 23.69
CA ASN B 115 8.29 -19.99 22.97
C ASN B 115 7.61 -20.96 23.93
N THR B 116 7.00 -20.40 24.99
CA THR B 116 6.39 -21.23 26.01
C THR B 116 5.02 -20.67 26.39
N LEU B 117 4.16 -21.57 26.90
CA LEU B 117 2.84 -21.21 27.39
C LEU B 117 2.70 -21.72 28.82
N PHE B 118 2.42 -20.81 29.74
CA PHE B 118 2.27 -21.14 31.15
C PHE B 118 0.81 -21.02 31.55
N LEU B 119 0.30 -22.00 32.27
CA LEU B 119 -1.06 -21.93 32.80
C LEU B 119 -1.02 -22.33 34.27
N GLN B 120 -1.43 -21.42 35.14
CA GLN B 120 -1.37 -21.60 36.59
C GLN B 120 -2.77 -21.77 37.15
N MET B 121 -2.92 -22.68 38.10
CA MET B 121 -4.19 -22.94 38.78
C MET B 121 -4.01 -22.70 40.27
N THR B 122 -5.04 -22.13 40.88
CA THR B 122 -5.11 -21.94 42.33
C THR B 122 -6.40 -22.57 42.84
N SER B 123 -6.37 -22.97 44.11
CA SER B 123 -7.50 -23.61 44.79
C SER B 123 -8.04 -24.79 43.97
N LEU B 124 -7.21 -25.83 43.86
CA LEU B 124 -7.60 -27.03 43.13
C LEU B 124 -8.67 -27.81 43.89
N ARG B 125 -9.48 -28.54 43.14
CA ARG B 125 -10.53 -29.38 43.69
C ARG B 125 -10.40 -30.78 43.12
N SER B 126 -11.30 -31.68 43.55
CA SER B 126 -11.27 -33.06 43.10
C SER B 126 -11.73 -33.20 41.64
N GLU B 127 -12.48 -32.23 41.13
CA GLU B 127 -12.97 -32.29 39.76
C GLU B 127 -11.94 -31.83 38.74
N ASP B 128 -10.80 -31.32 39.18
CA ASP B 128 -9.73 -30.87 38.29
C ASP B 128 -8.71 -31.96 37.99
N THR B 129 -8.90 -33.17 38.52
CA THR B 129 -8.00 -34.28 38.26
C THR B 129 -8.21 -34.76 36.82
N ALA B 130 -7.35 -34.33 35.92
CA ALA B 130 -7.49 -34.66 34.51
C ALA B 130 -6.14 -34.50 33.82
N MET B 131 -6.04 -35.10 32.64
CA MET B 131 -4.86 -34.97 31.80
C MET B 131 -5.03 -33.72 30.92
N TYR B 132 -4.05 -32.84 30.96
CA TYR B 132 -4.13 -31.56 30.28
C TYR B 132 -3.35 -31.60 28.98
N TYR B 133 -3.99 -31.17 27.89
CA TYR B 133 -3.40 -31.13 26.57
C TYR B 133 -3.28 -29.68 26.12
N CYS B 134 -2.08 -29.28 25.71
CA CYS B 134 -1.81 -27.96 25.17
C CYS B 134 -1.80 -28.04 23.65
N VAL B 135 -2.78 -27.39 23.02
CA VAL B 135 -2.97 -27.53 21.58
C VAL B 135 -2.84 -26.17 20.92
N ARG B 136 -2.50 -26.21 19.63
CA ARG B 136 -2.23 -25.02 18.83
C ARG B 136 -3.31 -24.85 17.77
N SER B 137 -3.55 -23.59 17.38
CA SER B 137 -4.55 -23.31 16.37
C SER B 137 -4.23 -21.97 15.72
N ILE B 138 -4.67 -21.81 14.48
CA ILE B 138 -4.59 -20.55 13.75
C ILE B 138 -5.96 -20.27 13.14
N TYR B 139 -6.26 -18.99 12.97
CA TYR B 139 -7.59 -18.56 12.53
C TYR B 139 -7.44 -17.59 11.36
N TYR B 140 -7.49 -18.14 10.14
CA TYR B 140 -7.58 -17.34 8.92
C TYR B 140 -8.49 -18.06 7.95
N TYR B 141 -8.64 -17.52 6.75
CA TYR B 141 -9.52 -18.12 5.75
C TYR B 141 -8.92 -19.44 5.28
N GLY B 142 -9.68 -20.52 5.43
CA GLY B 142 -9.18 -21.85 5.09
C GLY B 142 -8.08 -22.34 6.01
N SER B 143 -8.20 -22.09 7.30
CA SER B 143 -7.24 -22.56 8.29
C SER B 143 -7.72 -23.85 8.93
N SER B 144 -6.84 -24.48 9.71
CA SER B 144 -7.11 -25.75 10.38
C SER B 144 -6.81 -25.62 11.86
N PRO B 145 -7.71 -25.04 12.64
CA PRO B 145 -7.50 -24.96 14.08
C PRO B 145 -7.54 -26.34 14.73
N PHE B 146 -6.84 -26.46 15.85
CA PHE B 146 -6.72 -27.72 16.59
C PHE B 146 -6.10 -28.82 15.71
N ASP B 147 -5.20 -28.44 14.81
CA ASP B 147 -4.60 -29.42 13.91
C ASP B 147 -3.67 -30.37 14.65
N PHE B 148 -2.84 -29.84 15.55
CA PHE B 148 -1.88 -30.63 16.29
C PHE B 148 -2.08 -30.42 17.78
N TRP B 149 -2.10 -31.52 18.54
CA TRP B 149 -2.29 -31.49 19.98
C TRP B 149 -0.96 -31.76 20.68
N GLY B 150 -1.00 -31.75 22.00
CA GLY B 150 0.20 -31.98 22.79
C GLY B 150 0.39 -33.43 23.17
N GLN B 151 0.98 -33.68 24.35
CA GLN B 151 1.19 -35.03 24.84
C GLN B 151 0.39 -35.37 26.08
N GLY B 152 0.23 -34.43 27.00
CA GLY B 152 -0.58 -34.67 28.19
C GLY B 152 0.26 -34.76 29.45
N THR B 153 -0.28 -34.22 30.53
CA THR B 153 0.35 -34.26 31.84
C THR B 153 -0.63 -34.80 32.87
N THR B 154 -0.17 -35.70 33.73
CA THR B 154 -1.03 -36.35 34.71
C THR B 154 -1.08 -35.48 35.97
N LEU B 155 -2.23 -34.88 36.22
CA LEU B 155 -2.47 -34.09 37.42
C LEU B 155 -3.48 -34.80 38.30
N THR B 156 -3.13 -34.99 39.56
CA THR B 156 -3.95 -35.75 40.50
C THR B 156 -4.16 -34.96 41.78
N VAL B 157 -5.37 -35.05 42.32
CA VAL B 157 -5.72 -34.46 43.61
C VAL B 157 -6.00 -35.59 44.59
N SER B 158 -5.36 -35.54 45.75
CA SER B 158 -5.46 -36.64 46.71
C SER B 158 -6.89 -36.82 47.21
N SER B 159 -7.58 -35.73 47.51
CA SER B 159 -8.94 -35.80 48.02
C SER B 159 -9.73 -34.54 47.70
N SER B 174 -26.96 -21.12 28.33
CA SER B 174 -27.03 -20.77 26.92
C SER B 174 -25.91 -21.45 26.13
N ASP B 175 -25.09 -22.21 26.84
CA ASP B 175 -23.98 -22.91 26.19
C ASP B 175 -24.50 -23.99 25.27
N ILE B 176 -23.87 -24.12 24.11
CA ILE B 176 -24.25 -25.14 23.13
C ILE B 176 -23.72 -26.50 23.59
N VAL B 177 -24.61 -27.48 23.68
CA VAL B 177 -24.25 -28.81 24.12
C VAL B 177 -24.23 -29.75 22.93
N MET B 178 -23.43 -30.81 23.03
CA MET B 178 -23.30 -31.81 21.99
C MET B 178 -23.48 -33.19 22.60
N THR B 179 -24.35 -33.99 22.01
CA THR B 179 -24.65 -35.33 22.50
C THR B 179 -24.52 -36.33 21.36
N GLN B 180 -23.91 -37.48 21.66
CA GLN B 180 -23.77 -38.58 20.70
C GLN B 180 -24.67 -39.72 21.12
N ALA B 181 -25.52 -40.18 20.20
CA ALA B 181 -26.47 -41.23 20.53
C ALA B 181 -25.78 -42.54 20.87
N THR B 182 -24.73 -42.89 20.14
CA THR B 182 -24.01 -44.13 20.33
C THR B 182 -22.68 -43.85 21.03
N SER B 183 -22.41 -44.57 22.11
CA SER B 183 -21.16 -44.45 22.84
C SER B 183 -20.18 -45.57 22.57
N SER B 184 -20.68 -46.74 22.16
CA SER B 184 -19.83 -47.88 21.84
C SER B 184 -20.54 -48.76 20.83
N VAL B 185 -19.78 -49.27 19.86
CA VAL B 185 -20.32 -50.13 18.82
C VAL B 185 -19.20 -50.97 18.23
N PRO B 186 -19.39 -52.28 18.07
CA PRO B 186 -18.32 -53.10 17.47
C PRO B 186 -18.06 -52.72 16.02
N VAL B 187 -16.81 -52.90 15.60
CA VAL B 187 -16.39 -52.56 14.25
C VAL B 187 -15.62 -53.75 13.68
N THR B 188 -15.55 -53.80 12.35
CA THR B 188 -14.87 -54.86 11.64
C THR B 188 -13.89 -54.27 10.64
N PRO B 189 -12.76 -54.94 10.39
CA PRO B 189 -11.74 -54.42 9.45
C PRO B 189 -12.13 -54.59 7.98
N GLY B 190 -12.90 -53.63 7.48
CA GLY B 190 -13.28 -53.66 6.07
C GLY B 190 -14.68 -53.15 5.80
N GLU B 191 -15.45 -52.89 6.86
CA GLU B 191 -16.82 -52.40 6.72
C GLU B 191 -16.86 -50.89 6.94
N SER B 192 -17.92 -50.28 6.41
CA SER B 192 -18.14 -48.84 6.53
C SER B 192 -19.06 -48.56 7.70
N VAL B 193 -18.72 -47.52 8.47
CA VAL B 193 -19.46 -47.16 9.67
C VAL B 193 -19.82 -45.68 9.61
N SER B 194 -20.83 -45.31 10.41
CA SER B 194 -21.31 -43.94 10.50
C SER B 194 -21.44 -43.55 11.96
N ILE B 195 -21.00 -42.34 12.28
CA ILE B 195 -21.06 -41.79 13.63
C ILE B 195 -21.84 -40.49 13.58
N SER B 196 -22.85 -40.37 14.43
CA SER B 196 -23.76 -39.24 14.42
C SER B 196 -23.51 -38.33 15.62
N CYS B 197 -23.51 -37.02 15.37
CA CYS B 197 -23.41 -36.01 16.41
C CYS B 197 -24.54 -35.02 16.26
N ARG B 198 -25.04 -34.52 17.39
CA ARG B 198 -26.16 -33.60 17.44
C ARG B 198 -25.77 -32.37 18.25
N SER B 199 -26.39 -31.24 17.92
CA SER B 199 -26.12 -29.98 18.60
C SER B 199 -27.44 -29.34 19.01
N SER B 200 -27.41 -28.68 20.17
CA SER B 200 -28.59 -27.97 20.67
C SER B 200 -28.86 -26.68 19.91
N LYS B 201 -27.91 -26.20 19.12
CA LYS B 201 -28.07 -24.98 18.33
C LYS B 201 -27.59 -25.23 16.91
N SER B 202 -28.12 -24.45 15.98
CA SER B 202 -27.76 -24.60 14.57
C SER B 202 -26.36 -24.05 14.36
N LEU B 203 -25.40 -24.94 14.04
CA LEU B 203 -24.03 -24.53 13.82
C LEU B 203 -23.81 -23.83 12.50
N LEU B 204 -24.82 -23.84 11.61
CA LEU B 204 -24.69 -23.18 10.31
C LEU B 204 -24.77 -21.67 10.49
N HIS B 205 -23.62 -21.02 10.62
CA HIS B 205 -23.58 -19.57 10.78
C HIS B 205 -23.97 -18.89 9.48
N SER B 206 -24.31 -17.60 9.59
CA SER B 206 -24.77 -16.84 8.42
C SER B 206 -23.60 -16.36 7.57
N ASN B 207 -22.71 -17.28 7.21
CA ASN B 207 -21.62 -16.99 6.30
C ASN B 207 -21.39 -18.06 5.24
N GLY B 208 -21.97 -19.25 5.40
CA GLY B 208 -21.84 -20.30 4.41
C GLY B 208 -21.01 -21.50 4.84
N ASN B 209 -20.54 -21.56 6.08
CA ASN B 209 -19.73 -22.67 6.54
C ASN B 209 -20.15 -23.06 7.96
N THR B 210 -19.91 -24.33 8.28
CA THR B 210 -20.20 -24.88 9.59
C THR B 210 -18.91 -25.00 10.39
N TYR B 211 -19.05 -25.04 11.72
CA TYR B 211 -17.91 -25.07 12.63
C TYR B 211 -17.83 -26.38 13.42
N LEU B 212 -18.00 -27.49 12.72
CA LEU B 212 -17.83 -28.82 13.30
C LEU B 212 -16.40 -29.29 13.14
N TYR B 213 -15.90 -30.04 14.13
CA TYR B 213 -14.59 -30.65 14.06
C TYR B 213 -14.69 -32.09 14.54
N TRP B 214 -13.84 -32.96 14.00
CA TRP B 214 -13.81 -34.36 14.41
C TRP B 214 -12.41 -34.72 14.88
N PHE B 215 -12.34 -35.33 16.05
CA PHE B 215 -11.07 -35.71 16.67
C PHE B 215 -11.06 -37.19 16.97
N LEU B 216 -9.92 -37.83 16.70
CA LEU B 216 -9.72 -39.25 16.98
C LEU B 216 -8.67 -39.41 18.06
N GLN B 217 -9.00 -40.19 19.09
CA GLN B 217 -8.09 -40.49 20.18
C GLN B 217 -7.74 -41.97 20.12
N ARG B 218 -6.50 -42.26 19.75
CA ARG B 218 -6.03 -43.63 19.71
C ARG B 218 -5.82 -44.15 21.13
N PRO B 219 -5.89 -45.47 21.32
CA PRO B 219 -5.72 -46.02 22.68
C PRO B 219 -4.29 -45.90 23.18
N GLY B 220 -3.89 -44.70 23.59
CA GLY B 220 -2.56 -44.46 24.09
C GLY B 220 -1.87 -43.28 23.44
N GLN B 221 -2.63 -42.50 22.68
CA GLN B 221 -2.10 -41.34 21.98
C GLN B 221 -3.04 -40.15 22.18
N SER B 222 -2.47 -38.95 22.03
CA SER B 222 -3.24 -37.74 22.18
C SER B 222 -4.24 -37.60 21.03
N PRO B 223 -5.37 -36.91 21.25
CA PRO B 223 -6.34 -36.72 20.17
C PRO B 223 -5.74 -35.97 19.00
N GLN B 224 -6.18 -36.34 17.79
CA GLN B 224 -5.72 -35.71 16.57
C GLN B 224 -6.91 -35.33 15.71
N LEU B 225 -6.82 -34.18 15.04
CA LEU B 225 -7.89 -33.71 14.18
C LEU B 225 -8.06 -34.63 12.98
N LEU B 226 -9.32 -34.88 12.60
CA LEU B 226 -9.63 -35.70 11.44
C LEU B 226 -10.21 -34.87 10.31
N ILE B 227 -11.31 -34.15 10.56
CA ILE B 227 -11.86 -33.19 9.62
C ILE B 227 -12.25 -31.93 10.38
N TYR B 228 -12.27 -30.81 9.67
CA TYR B 228 -12.64 -29.53 10.23
C TYR B 228 -13.69 -28.86 9.35
N ARG B 229 -14.64 -28.20 9.99
CA ARG B 229 -15.76 -27.53 9.32
C ARG B 229 -16.64 -28.49 8.54
N MET B 230 -16.59 -29.78 8.89
CA MET B 230 -17.47 -30.83 8.41
C MET B 230 -17.41 -31.03 6.89
N SER B 231 -16.55 -30.28 6.21
CA SER B 231 -16.44 -30.40 4.76
C SER B 231 -15.02 -30.44 4.24
N ASN B 232 -14.00 -30.12 5.05
CA ASN B 232 -12.63 -30.08 4.60
C ASN B 232 -11.81 -31.14 5.32
N LEU B 233 -10.99 -31.86 4.55
CA LEU B 233 -10.13 -32.90 5.11
C LEU B 233 -8.88 -32.27 5.73
N ALA B 234 -8.44 -32.83 6.85
CA ALA B 234 -7.24 -32.34 7.52
C ALA B 234 -5.99 -32.80 6.77
N SER B 235 -4.88 -32.13 7.06
CA SER B 235 -3.62 -32.44 6.43
C SER B 235 -3.01 -33.71 7.02
N GLY B 236 -2.57 -34.61 6.16
CA GLY B 236 -1.94 -35.84 6.58
C GLY B 236 -2.89 -36.94 7.00
N VAL B 237 -4.19 -36.74 6.87
CA VAL B 237 -5.18 -37.74 7.29
C VAL B 237 -5.56 -38.57 6.06
N PRO B 238 -5.87 -39.86 6.23
CA PRO B 238 -6.32 -40.65 5.08
C PRO B 238 -7.65 -40.15 4.52
N ASP B 239 -7.83 -40.38 3.22
CA ASP B 239 -9.03 -39.95 2.52
C ASP B 239 -10.26 -40.80 2.85
N ARG B 240 -10.08 -41.89 3.60
CA ARG B 240 -11.21 -42.76 3.92
C ARG B 240 -12.26 -42.02 4.74
N PHE B 241 -11.83 -41.23 5.71
CA PHE B 241 -12.76 -40.51 6.57
C PHE B 241 -13.47 -39.42 5.78
N SER B 242 -14.75 -39.21 6.07
CA SER B 242 -15.51 -38.14 5.44
C SER B 242 -16.59 -37.66 6.40
N GLY B 243 -17.09 -36.46 6.16
CA GLY B 243 -18.12 -35.89 7.01
C GLY B 243 -19.14 -35.13 6.19
N SER B 244 -20.37 -35.12 6.68
CA SER B 244 -21.47 -34.43 6.01
C SER B 244 -22.59 -34.22 7.04
N GLY B 245 -23.75 -33.80 6.54
CA GLY B 245 -24.92 -33.61 7.38
C GLY B 245 -25.54 -32.25 7.14
N SER B 246 -26.41 -31.85 8.08
CA SER B 246 -27.08 -30.57 8.01
C SER B 246 -27.20 -30.01 9.42
N GLY B 247 -27.91 -28.89 9.54
CA GLY B 247 -28.03 -28.19 10.81
C GLY B 247 -28.50 -29.06 11.95
N THR B 248 -27.75 -29.04 13.05
CA THR B 248 -28.04 -29.80 14.27
C THR B 248 -28.06 -31.31 14.04
N ALA B 249 -27.48 -31.79 12.94
CA ALA B 249 -27.42 -33.23 12.71
C ALA B 249 -26.26 -33.51 11.76
N PHE B 250 -25.13 -33.95 12.31
CA PHE B 250 -23.93 -34.20 11.52
C PHE B 250 -23.56 -35.68 11.57
N THR B 251 -22.97 -36.16 10.48
CA THR B 251 -22.57 -37.56 10.37
C THR B 251 -21.15 -37.64 9.83
N LEU B 252 -20.45 -38.68 10.28
CA LEU B 252 -19.09 -38.96 9.83
C LEU B 252 -19.05 -40.40 9.33
N THR B 253 -18.61 -40.57 8.09
CA THR B 253 -18.59 -41.87 7.42
C THR B 253 -17.16 -42.36 7.27
N ILE B 254 -16.92 -43.61 7.65
CA ILE B 254 -15.65 -44.28 7.48
C ILE B 254 -15.87 -45.43 6.50
N SER B 255 -15.17 -45.39 5.37
CA SER B 255 -15.29 -46.40 4.32
C SER B 255 -13.93 -47.05 4.08
N ARG B 256 -13.94 -48.34 3.77
CA ARG B 256 -12.72 -49.12 3.56
C ARG B 256 -11.81 -49.00 4.78
N LEU B 257 -12.40 -49.14 5.96
CA LEU B 257 -11.65 -48.99 7.20
C LEU B 257 -10.63 -50.12 7.34
N GLU B 258 -9.44 -49.77 7.81
CA GLU B 258 -8.35 -50.71 8.03
C GLU B 258 -8.05 -50.79 9.53
N ALA B 259 -7.02 -51.57 9.86
CA ALA B 259 -6.63 -51.74 11.25
C ALA B 259 -5.82 -50.54 11.73
N GLU B 260 -5.49 -50.55 13.03
CA GLU B 260 -4.69 -49.49 13.65
C GLU B 260 -5.34 -48.12 13.49
N ASP B 261 -6.67 -48.08 13.61
CA ASP B 261 -7.39 -46.82 13.55
C ASP B 261 -8.47 -46.68 14.60
N VAL B 262 -8.62 -47.65 15.50
CA VAL B 262 -9.67 -47.56 16.52
C VAL B 262 -9.32 -46.49 17.55
N GLY B 263 -10.33 -46.08 18.30
CA GLY B 263 -10.16 -45.05 19.31
C GLY B 263 -11.49 -44.45 19.71
N VAL B 264 -11.45 -43.21 20.17
CA VAL B 264 -12.62 -42.47 20.60
C VAL B 264 -12.82 -41.29 19.67
N TYR B 265 -14.06 -41.09 19.21
CA TYR B 265 -14.39 -40.02 18.28
C TYR B 265 -15.09 -38.89 19.02
N TYR B 266 -14.63 -37.66 18.81
CA TYR B 266 -15.18 -36.48 19.46
C TYR B 266 -15.61 -35.47 18.41
N CYS B 267 -16.78 -34.86 18.61
CA CYS B 267 -17.30 -33.83 17.73
C CYS B 267 -17.29 -32.48 18.45
N MET B 268 -16.76 -31.47 17.77
CA MET B 268 -16.57 -30.12 18.31
C MET B 268 -17.47 -29.12 17.60
N GLN B 269 -18.08 -28.24 18.38
CA GLN B 269 -18.71 -27.03 17.88
C GLN B 269 -17.80 -25.85 18.16
N HIS B 270 -17.82 -24.86 17.26
CA HIS B 270 -16.99 -23.67 17.43
C HIS B 270 -17.79 -22.39 17.24
N LEU B 271 -19.10 -22.43 17.48
CA LEU B 271 -19.93 -21.24 17.24
C LEU B 271 -19.63 -20.15 18.26
N GLU B 272 -19.37 -20.51 19.51
CA GLU B 272 -19.11 -19.51 20.55
C GLU B 272 -18.23 -20.13 21.62
N TYR B 273 -16.92 -19.82 21.56
CA TYR B 273 -15.83 -19.90 22.53
C TYR B 273 -16.00 -20.92 23.67
N PRO B 274 -17.11 -20.93 24.45
CA PRO B 274 -17.31 -22.08 25.35
C PRO B 274 -17.48 -23.39 24.59
N LEU B 275 -16.43 -23.81 23.88
CA LEU B 275 -16.44 -25.08 23.15
C LEU B 275 -16.73 -26.24 24.08
N THR B 276 -17.61 -27.13 23.64
CA THR B 276 -18.00 -28.32 24.39
C THR B 276 -17.74 -29.56 23.55
N PHE B 277 -17.09 -30.56 24.15
CA PHE B 277 -16.82 -31.81 23.47
C PHE B 277 -18.09 -32.65 23.37
N GLY B 278 -18.00 -33.75 22.61
CA GLY B 278 -19.08 -34.70 22.52
C GLY B 278 -18.96 -35.79 23.57
N ALA B 279 -19.92 -36.71 23.53
CA ALA B 279 -19.91 -37.83 24.48
C ALA B 279 -18.75 -38.77 24.21
N GLY B 280 -18.50 -39.08 22.94
CA GLY B 280 -17.43 -39.99 22.58
C GLY B 280 -17.93 -41.32 22.05
N THR B 281 -17.43 -41.73 20.88
CA THR B 281 -17.80 -42.99 20.26
C THR B 281 -16.57 -43.89 20.18
N LYS B 282 -16.68 -45.10 20.69
CA LYS B 282 -15.57 -46.04 20.77
C LYS B 282 -15.84 -47.24 19.89
N LEU B 283 -14.85 -47.61 19.08
CA LEU B 283 -14.92 -48.78 18.21
C LEU B 283 -13.86 -49.78 18.61
N GLU B 284 -14.23 -51.06 18.62
CA GLU B 284 -13.29 -52.12 18.98
C GLU B 284 -13.48 -53.34 18.08
N GLY C 2 -22.66 -7.46 15.48
CA GLY C 2 -24.08 -7.68 15.47
C GLY C 2 -24.46 -9.14 15.27
N CYS C 3 -23.73 -9.82 14.39
CA CYS C 3 -23.96 -11.23 14.09
C CYS C 3 -22.96 -12.14 14.79
N THR C 4 -22.49 -11.73 15.97
CA THR C 4 -21.57 -12.51 16.82
C THR C 4 -20.20 -12.62 16.17
N LEU C 5 -20.06 -12.08 14.96
CA LEU C 5 -18.81 -12.08 14.19
C LEU C 5 -18.26 -13.48 13.96
N SER C 6 -19.11 -14.50 14.06
CA SER C 6 -18.80 -15.88 13.68
C SER C 6 -17.64 -16.47 14.47
N ALA C 7 -17.34 -15.93 15.66
CA ALA C 7 -16.39 -16.51 16.59
C ALA C 7 -14.97 -16.58 16.03
N GLU C 8 -14.72 -17.52 15.11
CA GLU C 8 -13.37 -17.68 14.58
C GLU C 8 -12.93 -16.44 13.82
N ASP C 9 -13.85 -15.81 13.08
CA ASP C 9 -13.51 -14.56 12.41
C ASP C 9 -13.10 -13.48 13.40
N LYS C 10 -13.60 -13.57 14.63
CA LYS C 10 -13.13 -12.66 15.68
C LYS C 10 -11.63 -12.80 15.89
N ALA C 11 -11.14 -14.04 15.91
CA ALA C 11 -9.70 -14.29 15.97
C ALA C 11 -9.01 -14.02 14.64
N ALA C 12 -9.77 -13.90 13.54
CA ALA C 12 -9.16 -13.60 12.25
C ALA C 12 -8.85 -12.12 12.11
N VAL C 13 -9.86 -11.27 12.31
CA VAL C 13 -9.68 -9.84 12.13
C VAL C 13 -8.58 -9.33 13.05
N GLU C 14 -8.56 -9.80 14.31
CA GLU C 14 -7.50 -9.42 15.22
C GLU C 14 -6.13 -9.77 14.66
N ARG C 15 -6.00 -10.97 14.10
CA ARG C 15 -4.75 -11.34 13.44
C ARG C 15 -4.40 -10.33 12.36
N SER C 16 -5.39 -9.95 11.54
CA SER C 16 -5.16 -8.92 10.54
C SER C 16 -4.68 -7.64 11.21
N LYS C 17 -5.33 -7.25 12.31
CA LYS C 17 -4.88 -6.07 13.05
C LYS C 17 -3.44 -6.26 13.50
N MET C 18 -3.10 -7.47 13.98
CA MET C 18 -1.72 -7.74 14.35
C MET C 18 -0.79 -7.49 13.16
N ILE C 19 -1.18 -7.95 11.98
CA ILE C 19 -0.39 -7.69 10.78
C ILE C 19 -0.23 -6.20 10.58
N ASP C 20 -1.33 -5.45 10.76
CA ASP C 20 -1.25 -3.99 10.69
C ASP C 20 -0.22 -3.47 11.68
N ARG C 21 -0.25 -4.00 12.91
CA ARG C 21 0.71 -3.57 13.92
C ARG C 21 2.13 -3.80 13.44
N ASN C 22 2.37 -4.89 12.70
CA ASN C 22 3.67 -5.10 12.12
C ASN C 22 3.90 -4.17 10.93
N LEU C 23 2.88 -4.03 10.07
CA LEU C 23 3.09 -3.36 8.78
C LEU C 23 3.53 -1.92 8.99
N ARG C 24 2.77 -1.15 9.78
CA ARG C 24 3.16 0.22 10.05
C ARG C 24 4.51 0.27 10.76
N GLU C 25 4.79 -0.74 11.62
CA GLU C 25 6.07 -0.80 12.29
C GLU C 25 7.21 -0.88 11.28
N ASP C 26 6.99 -1.57 10.16
CA ASP C 26 7.98 -1.53 9.09
C ASP C 26 7.92 -0.20 8.34
N GLY C 27 6.71 0.28 8.08
CA GLY C 27 6.57 1.51 7.31
C GLY C 27 7.23 2.69 7.98
N GLU C 28 6.99 2.85 9.29
CA GLU C 28 7.70 3.88 10.04
C GLU C 28 9.20 3.66 9.99
N LYS C 29 9.63 2.39 10.07
CA LYS C 29 11.05 2.08 9.91
C LYS C 29 11.56 2.51 8.55
N ALA C 30 10.71 2.44 7.52
CA ALA C 30 11.10 2.94 6.21
C ALA C 30 11.07 4.45 6.14
N ALA C 31 10.31 5.12 7.02
CA ALA C 31 10.25 6.57 6.98
C ALA C 31 11.57 7.20 7.39
N ARG C 32 12.22 6.64 8.42
CA ARG C 32 13.47 7.18 8.95
C ARG C 32 14.70 6.61 8.25
N GLU C 33 14.54 6.06 7.05
CA GLU C 33 15.65 5.49 6.30
C GLU C 33 15.83 6.27 5.01
N VAL C 34 17.06 6.64 4.70
CA VAL C 34 17.38 7.43 3.52
C VAL C 34 17.77 6.50 2.38
N LYS C 35 17.12 6.68 1.22
CA LYS C 35 17.38 5.87 0.04
C LYS C 35 18.06 6.74 -1.02
N LEU C 36 19.17 6.26 -1.55
CA LEU C 36 19.94 6.96 -2.56
C LEU C 36 20.13 6.06 -3.78
N LEU C 37 20.08 6.66 -4.96
CA LEU C 37 20.22 5.94 -6.21
C LEU C 37 21.56 6.28 -6.85
N LEU C 38 22.28 5.26 -7.29
CA LEU C 38 23.60 5.42 -7.90
C LEU C 38 23.50 5.14 -9.39
N LEU C 39 24.07 6.02 -10.20
CA LEU C 39 24.04 5.89 -11.65
C LEU C 39 25.38 6.28 -12.24
N GLY C 40 25.63 5.76 -13.45
CA GLY C 40 26.85 6.06 -14.18
C GLY C 40 26.80 5.51 -15.59
N ALA C 41 27.41 6.23 -16.54
CA ALA C 41 27.38 5.78 -17.93
C ALA C 41 28.35 4.62 -18.16
N GLY C 42 29.63 4.86 -17.94
CA GLY C 42 30.65 3.82 -18.04
C GLY C 42 31.08 3.34 -16.68
N GLU C 43 32.39 3.17 -16.50
CA GLU C 43 32.92 2.81 -15.19
C GLU C 43 32.67 3.92 -14.19
N SER C 44 33.06 5.15 -14.52
CA SER C 44 32.79 6.35 -13.74
C SER C 44 33.25 6.23 -12.29
N GLY C 45 34.17 5.31 -12.01
CA GLY C 45 34.61 5.09 -10.65
C GLY C 45 33.51 4.63 -9.72
N LYS C 46 32.51 3.90 -10.25
CA LYS C 46 31.42 3.43 -9.42
C LYS C 46 31.91 2.43 -8.37
N SER C 47 32.77 1.50 -8.80
CA SER C 47 33.29 0.50 -7.87
C SER C 47 34.12 1.15 -6.77
N THR C 48 34.93 2.13 -7.13
CA THR C 48 35.75 2.82 -6.13
C THR C 48 34.88 3.54 -5.10
N ILE C 49 33.84 4.23 -5.57
CA ILE C 49 32.94 4.94 -4.66
C ILE C 49 32.22 3.96 -3.74
N VAL C 50 31.73 2.85 -4.32
CA VAL C 50 31.01 1.86 -3.53
C VAL C 50 31.92 1.26 -2.46
N LYS C 51 33.15 0.91 -2.85
CA LYS C 51 34.08 0.34 -1.89
C LYS C 51 34.44 1.35 -0.80
N GLN C 52 34.64 2.62 -1.18
CA GLN C 52 35.00 3.64 -0.19
C GLN C 52 33.87 3.86 0.80
N MET C 53 32.63 3.91 0.34
CA MET C 53 31.50 4.21 1.20
C MET C 53 30.92 2.98 1.89
N LYS C 54 31.34 1.78 1.50
CA LYS C 54 30.83 0.56 2.12
C LYS C 54 31.57 0.17 3.39
N ILE C 55 32.72 0.79 3.67
CA ILE C 55 33.48 0.47 4.88
C ILE C 55 32.96 1.18 6.12
N ILE C 56 32.07 2.15 5.95
CA ILE C 56 31.52 2.89 7.08
C ILE C 56 30.11 2.42 7.39
N THR C 182 23.25 -9.97 -9.89
CA THR C 182 23.16 -9.39 -11.22
C THR C 182 22.05 -8.34 -11.27
N GLY C 183 21.45 -8.05 -10.12
CA GLY C 183 20.39 -7.08 -10.04
C GLY C 183 20.81 -5.77 -9.42
N ILE C 184 20.49 -5.58 -8.15
CA ILE C 184 20.81 -4.36 -7.41
C ILE C 184 21.72 -4.72 -6.25
N VAL C 185 22.86 -4.04 -6.16
CA VAL C 185 23.82 -4.28 -5.08
C VAL C 185 23.54 -3.25 -4.01
N GLU C 186 22.67 -3.61 -3.06
CA GLU C 186 22.31 -2.70 -1.98
C GLU C 186 23.44 -2.56 -0.98
N THR C 187 23.51 -1.40 -0.34
CA THR C 187 24.51 -1.11 0.68
C THR C 187 23.80 -0.75 1.98
N HIS C 188 24.25 -1.35 3.08
CA HIS C 188 23.63 -1.19 4.38
C HIS C 188 24.45 -0.31 5.32
N PHE C 189 25.35 0.51 4.78
CA PHE C 189 26.21 1.32 5.62
C PHE C 189 25.43 2.43 6.31
N THR C 190 25.91 2.83 7.49
CA THR C 190 25.27 3.84 8.32
C THR C 190 26.27 4.93 8.66
N PHE C 191 25.77 6.15 8.80
CA PHE C 191 26.61 7.31 9.09
C PHE C 191 25.85 8.26 10.00
N LYS C 192 26.30 8.37 11.25
CA LYS C 192 25.74 9.30 12.23
C LYS C 192 24.25 9.06 12.43
N ASP C 193 23.93 7.83 12.84
CA ASP C 193 22.56 7.41 13.17
C ASP C 193 21.59 7.59 12.00
N LEU C 194 22.09 7.59 10.77
CA LEU C 194 21.26 7.71 9.57
C LEU C 194 21.57 6.52 8.67
N HIS C 195 20.60 5.62 8.50
CA HIS C 195 20.79 4.44 7.69
C HIS C 195 20.59 4.81 6.22
N PHE C 196 21.68 4.82 5.46
CA PHE C 196 21.63 5.16 4.04
C PHE C 196 21.47 3.90 3.19
N LYS C 197 20.67 4.03 2.14
CA LYS C 197 20.44 2.95 1.19
C LYS C 197 21.02 3.34 -0.16
N MET C 198 21.87 2.49 -0.70
CA MET C 198 22.54 2.72 -1.98
C MET C 198 22.16 1.59 -2.93
N PHE C 199 21.62 1.96 -4.09
CA PHE C 199 21.19 0.99 -5.09
C PHE C 199 22.00 1.18 -6.36
N ASP C 200 22.56 0.09 -6.87
CA ASP C 200 23.32 0.09 -8.12
C ASP C 200 22.47 -0.55 -9.20
N VAL C 201 22.24 0.19 -10.29
CA VAL C 201 21.42 -0.26 -11.39
C VAL C 201 22.23 -0.43 -12.67
N GLY C 202 23.56 -0.39 -12.57
CA GLY C 202 24.40 -0.58 -13.74
C GLY C 202 24.54 -2.01 -14.20
N GLY C 203 24.11 -2.97 -13.37
CA GLY C 203 24.16 -4.38 -13.72
C GLY C 203 23.01 -4.88 -14.54
N GLN C 204 22.04 -4.03 -14.86
CA GLN C 204 20.87 -4.41 -15.65
C GLN C 204 20.99 -3.85 -17.05
N ARG C 205 20.86 -4.72 -18.05
CA ARG C 205 20.92 -4.35 -19.46
C ARG C 205 19.51 -4.52 -20.03
N SER C 206 18.70 -3.48 -19.90
CA SER C 206 17.32 -3.51 -20.36
C SER C 206 16.87 -2.07 -20.61
N GLU C 207 15.58 -1.89 -20.86
CA GLU C 207 15.06 -0.54 -21.09
C GLU C 207 15.09 0.26 -19.79
N ARG C 208 15.62 1.48 -19.87
CA ARG C 208 15.84 2.27 -18.66
C ARG C 208 14.53 2.78 -18.08
N LYS C 209 13.64 3.31 -18.93
CA LYS C 209 12.41 3.94 -18.45
C LYS C 209 11.35 2.93 -18.02
N LYS C 210 11.54 1.64 -18.33
CA LYS C 210 10.59 0.64 -17.87
C LYS C 210 10.57 0.53 -16.35
N TRP C 211 11.73 0.59 -15.72
CA TRP C 211 11.85 0.45 -14.27
C TRP C 211 12.35 1.72 -13.59
N ILE C 212 12.40 2.84 -14.31
CA ILE C 212 12.89 4.08 -13.70
C ILE C 212 11.84 4.74 -12.83
N HIS C 213 10.56 4.37 -12.98
CA HIS C 213 9.51 4.94 -12.13
C HIS C 213 9.47 4.31 -10.75
N CYS C 214 10.09 3.14 -10.58
CA CYS C 214 10.12 2.49 -9.26
C CYS C 214 11.03 3.22 -8.28
N PHE C 215 12.01 3.96 -8.78
CA PHE C 215 12.95 4.67 -7.93
C PHE C 215 12.53 6.11 -7.66
N GLU C 216 11.35 6.51 -8.11
CA GLU C 216 10.87 7.85 -7.82
C GLU C 216 10.55 7.97 -6.33
N GLY C 217 10.67 9.20 -5.82
CA GLY C 217 10.44 9.45 -4.42
C GLY C 217 11.62 9.17 -3.51
N VAL C 218 12.79 8.85 -4.07
CA VAL C 218 13.97 8.64 -3.24
C VAL C 218 14.41 9.96 -2.62
N THR C 219 15.19 9.85 -1.54
CA THR C 219 15.68 11.04 -0.85
C THR C 219 16.60 11.85 -1.76
N ALA C 220 17.52 11.18 -2.44
CA ALA C 220 18.44 11.86 -3.34
C ALA C 220 18.98 10.84 -4.33
N ILE C 221 19.56 11.34 -5.42
CA ILE C 221 20.13 10.52 -6.48
C ILE C 221 21.58 10.92 -6.67
N ILE C 222 22.47 9.93 -6.67
CA ILE C 222 23.91 10.16 -6.79
C ILE C 222 24.33 9.79 -8.21
N PHE C 223 25.01 10.73 -8.88
CA PHE C 223 25.49 10.53 -10.24
C PHE C 223 27.02 10.60 -10.24
N CYS C 224 27.64 9.64 -10.91
CA CYS C 224 29.10 9.57 -10.98
C CYS C 224 29.54 9.67 -12.44
N VAL C 225 30.48 10.59 -12.71
CA VAL C 225 31.09 10.74 -14.01
C VAL C 225 32.60 10.79 -13.84
N ALA C 226 33.32 10.52 -14.93
CA ALA C 226 34.77 10.45 -14.90
C ALA C 226 35.37 11.66 -15.61
N LEU C 227 36.30 12.33 -14.95
CA LEU C 227 36.98 13.47 -15.56
C LEU C 227 37.83 13.04 -16.75
N SER C 228 38.50 11.90 -16.64
CA SER C 228 39.42 11.44 -17.68
C SER C 228 38.72 10.74 -18.84
N ASP C 229 37.42 10.93 -19.00
CA ASP C 229 36.67 10.29 -20.08
C ASP C 229 36.53 11.17 -21.31
N TYR C 230 37.11 12.37 -21.33
CA TYR C 230 37.01 13.23 -22.49
C TYR C 230 37.98 12.86 -23.60
N ASP C 231 38.96 11.99 -23.33
CA ASP C 231 39.91 11.54 -24.34
C ASP C 231 39.51 10.21 -24.95
N LEU C 232 39.12 9.23 -24.12
CA LEU C 232 38.70 7.94 -24.63
C LEU C 232 37.36 8.05 -25.36
N VAL C 233 37.15 7.17 -26.33
CA VAL C 233 35.93 7.15 -27.13
C VAL C 233 35.15 5.90 -26.81
N LEU C 234 33.94 5.80 -27.35
CA LEU C 234 33.05 4.65 -27.15
C LEU C 234 32.77 4.42 -25.66
N MET C 240 32.58 9.72 -30.68
CA MET C 240 32.00 10.33 -29.49
C MET C 240 32.71 9.82 -28.24
N ASN C 241 33.08 10.74 -27.35
CA ASN C 241 33.78 10.38 -26.12
C ASN C 241 32.78 9.91 -25.06
N ARG C 242 33.33 9.30 -24.01
CA ARG C 242 32.49 8.72 -22.96
C ARG C 242 31.73 9.81 -22.19
N MET C 243 32.38 10.95 -21.93
CA MET C 243 31.72 12.01 -21.18
C MET C 243 30.54 12.58 -21.98
N HIS C 244 30.71 12.74 -23.29
CA HIS C 244 29.59 13.20 -24.11
C HIS C 244 28.44 12.19 -24.09
N GLU C 245 28.77 10.91 -24.02
CA GLU C 245 27.72 9.89 -23.86
C GLU C 245 27.04 10.00 -22.50
N SER C 246 27.79 10.40 -21.48
CA SER C 246 27.21 10.59 -20.15
C SER C 246 26.35 11.86 -20.06
N MET C 247 26.63 12.85 -20.91
CA MET C 247 25.84 14.09 -20.85
C MET C 247 24.38 13.83 -21.16
N LYS C 248 24.09 13.01 -22.18
CA LYS C 248 22.69 12.73 -22.51
C LYS C 248 22.01 11.92 -21.41
N LEU C 249 22.75 11.00 -20.77
CA LEU C 249 22.19 10.26 -19.64
C LEU C 249 21.85 11.21 -18.49
N PHE C 250 22.75 12.14 -18.19
CA PHE C 250 22.49 13.12 -17.14
C PHE C 250 21.29 13.99 -17.48
N ASP C 251 21.20 14.42 -18.74
CA ASP C 251 20.06 15.24 -19.16
C ASP C 251 18.75 14.48 -19.05
N SER C 252 18.74 13.21 -19.46
CA SER C 252 17.54 12.40 -19.34
C SER C 252 17.14 12.19 -17.89
N ILE C 253 18.11 11.95 -17.01
CA ILE C 253 17.80 11.72 -15.60
C ILE C 253 17.29 12.99 -14.94
N CYS C 254 17.96 14.13 -15.19
CA CYS C 254 17.57 15.37 -14.55
C CYS C 254 16.21 15.87 -15.05
N ASN C 255 15.93 15.69 -16.34
CA ASN C 255 14.69 16.14 -16.93
C ASN C 255 13.59 15.08 -16.89
N ASN C 256 13.84 13.94 -16.25
CA ASN C 256 12.83 12.90 -16.17
C ASN C 256 11.64 13.36 -15.35
N LYS C 257 10.45 12.93 -15.76
CA LYS C 257 9.23 13.32 -15.07
C LYS C 257 9.20 12.76 -13.65
N TRP C 258 9.63 11.51 -13.48
CA TRP C 258 9.60 10.88 -12.16
C TRP C 258 10.60 11.51 -11.18
N PHE C 259 11.60 12.23 -11.69
CA PHE C 259 12.63 12.85 -10.86
C PHE C 259 12.57 14.38 -11.00
N THR C 260 11.35 14.92 -11.04
CA THR C 260 11.17 16.36 -11.18
C THR C 260 11.28 17.10 -9.85
N ASP C 261 11.38 16.39 -8.73
CA ASP C 261 11.46 17.05 -7.43
C ASP C 261 12.51 16.41 -6.51
N THR C 262 13.47 15.66 -7.06
CA THR C 262 14.49 15.00 -6.27
C THR C 262 15.83 15.67 -6.50
N SER C 263 16.51 16.02 -5.42
CA SER C 263 17.85 16.60 -5.52
C SER C 263 18.84 15.57 -6.05
N ILE C 264 19.83 16.06 -6.80
CA ILE C 264 20.77 15.20 -7.51
C ILE C 264 22.18 15.53 -7.03
N ILE C 265 22.95 14.49 -6.71
CA ILE C 265 24.33 14.61 -6.27
C ILE C 265 25.22 14.09 -7.39
N LEU C 266 26.20 14.90 -7.78
CA LEU C 266 27.11 14.57 -8.87
C LEU C 266 28.53 14.49 -8.34
N PHE C 267 29.23 13.40 -8.68
CA PHE C 267 30.59 13.15 -8.25
C PHE C 267 31.51 13.17 -9.46
N LEU C 268 32.61 13.93 -9.36
CA LEU C 268 33.58 14.05 -10.44
C LEU C 268 34.78 13.18 -10.06
N ASN C 269 34.72 11.91 -10.46
CA ASN C 269 35.76 10.95 -10.10
C ASN C 269 36.97 11.11 -11.02
N LYS C 270 38.01 10.33 -10.75
CA LYS C 270 39.26 10.34 -11.52
C LYS C 270 39.88 11.74 -11.56
N LYS C 271 39.83 12.43 -10.42
CA LYS C 271 40.41 13.76 -10.34
C LYS C 271 41.92 13.73 -10.53
N ASP C 272 42.59 12.74 -9.94
CA ASP C 272 44.05 12.66 -10.06
C ASP C 272 44.49 12.37 -11.48
N LEU C 273 43.69 11.61 -12.24
CA LEU C 273 44.04 11.33 -13.64
C LEU C 273 43.96 12.59 -14.49
N PHE C 274 43.06 13.51 -14.14
CA PHE C 274 42.95 14.75 -14.89
C PHE C 274 44.23 15.57 -14.82
N GLU C 275 44.90 15.55 -13.66
CA GLU C 275 46.13 16.32 -13.49
C GLU C 275 47.20 15.88 -14.48
N GLU C 276 47.36 14.57 -14.65
CA GLU C 276 48.37 14.04 -15.56
C GLU C 276 47.88 13.92 -17.00
N LYS C 277 46.58 14.06 -17.24
CA LYS C 277 46.04 13.98 -18.60
C LYS C 277 45.90 15.32 -19.29
N ILE C 278 45.55 16.38 -18.54
CA ILE C 278 45.32 17.68 -19.15
C ILE C 278 46.63 18.25 -19.71
N LYS C 279 47.77 17.98 -19.07
CA LYS C 279 49.03 18.52 -19.54
C LYS C 279 49.41 17.95 -20.90
N LYS C 280 49.16 16.65 -21.11
CA LYS C 280 49.51 16.00 -22.37
C LYS C 280 48.38 16.14 -23.40
N SER C 281 47.14 15.87 -22.99
CA SER C 281 46.01 15.94 -23.90
C SER C 281 45.26 17.24 -23.68
N PRO C 282 45.23 18.15 -24.66
CA PRO C 282 44.48 19.40 -24.50
C PRO C 282 42.98 19.14 -24.43
N LEU C 283 42.27 20.04 -23.75
CA LEU C 283 40.83 19.92 -23.60
C LEU C 283 40.06 20.29 -24.86
N THR C 284 40.73 20.83 -25.88
CA THR C 284 40.05 21.27 -27.09
C THR C 284 39.42 20.11 -27.85
N ILE C 285 39.88 18.89 -27.65
CA ILE C 285 39.31 17.74 -28.38
C ILE C 285 37.85 17.52 -27.99
N CYS C 286 37.54 17.61 -26.70
CA CYS C 286 36.18 17.40 -26.22
C CYS C 286 35.34 18.68 -26.31
N TYR C 287 35.94 19.84 -26.05
CA TYR C 287 35.23 21.11 -26.08
C TYR C 287 35.84 22.02 -27.14
N PRO C 288 35.31 22.03 -28.37
CA PRO C 288 35.83 22.96 -29.38
C PRO C 288 35.56 24.42 -29.05
N GLU C 289 34.59 24.72 -28.18
CA GLU C 289 34.26 26.09 -27.81
C GLU C 289 34.90 26.49 -26.48
N TYR C 290 36.04 25.92 -26.14
CA TYR C 290 36.74 26.24 -24.90
C TYR C 290 38.07 26.90 -25.23
N ALA C 291 38.35 28.04 -24.57
CA ALA C 291 39.60 28.76 -24.78
C ALA C 291 40.22 29.22 -23.47
N GLY C 292 39.86 28.61 -22.35
CA GLY C 292 40.41 28.99 -21.06
C GLY C 292 41.76 28.36 -20.79
N SER C 293 42.29 28.68 -19.61
CA SER C 293 43.58 28.15 -19.20
C SER C 293 43.51 26.64 -18.99
N ASN C 294 44.59 25.95 -19.35
CA ASN C 294 44.67 24.50 -19.20
C ASN C 294 45.11 24.12 -17.79
N THR C 295 44.30 24.53 -16.82
CA THR C 295 44.53 24.23 -15.41
C THR C 295 43.34 23.46 -14.85
N TYR C 296 43.61 22.67 -13.82
CA TYR C 296 42.54 21.87 -13.19
C TYR C 296 41.46 22.76 -12.59
N GLU C 297 41.86 23.84 -11.90
CA GLU C 297 40.90 24.70 -11.23
C GLU C 297 39.95 25.38 -12.21
N GLU C 298 40.33 25.50 -13.48
CA GLU C 298 39.48 26.09 -14.50
C GLU C 298 38.75 25.05 -15.34
N ALA C 299 39.44 23.99 -15.77
CA ALA C 299 38.79 22.96 -16.57
C ALA C 299 37.72 22.23 -15.76
N ALA C 300 38.02 21.91 -14.50
CA ALA C 300 37.03 21.24 -13.66
C ALA C 300 35.82 22.13 -13.42
N ALA C 301 36.05 23.43 -13.19
CA ALA C 301 34.94 24.36 -13.02
C ALA C 301 34.10 24.45 -14.28
N TYR C 302 34.73 24.48 -15.45
CA TYR C 302 33.99 24.52 -16.71
C TYR C 302 33.17 23.26 -16.90
N ILE C 303 33.73 22.09 -16.57
CA ILE C 303 33.00 20.84 -16.71
C ILE C 303 31.81 20.82 -15.76
N GLN C 304 32.01 21.28 -14.52
CA GLN C 304 30.90 21.33 -13.56
C GLN C 304 29.80 22.27 -14.04
N CYS C 305 30.18 23.44 -14.58
CA CYS C 305 29.19 24.37 -15.10
C CYS C 305 28.43 23.76 -16.28
N GLN C 306 29.15 23.08 -17.18
CA GLN C 306 28.49 22.45 -18.32
C GLN C 306 27.51 21.37 -17.86
N PHE C 307 27.89 20.58 -16.86
CA PHE C 307 26.99 19.59 -16.31
C PHE C 307 25.77 20.23 -15.63
N GLU C 308 25.95 21.37 -14.97
CA GLU C 308 24.85 22.08 -14.34
C GLU C 308 23.94 22.79 -15.33
N ASP C 309 24.42 23.09 -16.54
CA ASP C 309 23.58 23.76 -17.52
C ASP C 309 22.44 22.87 -18.01
N LEU C 310 22.59 21.55 -17.89
CA LEU C 310 21.57 20.63 -18.38
C LEU C 310 20.33 20.59 -17.51
N ASN C 311 20.35 21.22 -16.34
CA ASN C 311 19.20 21.24 -15.44
C ASN C 311 18.17 22.23 -15.97
N LYS C 312 17.17 21.72 -16.69
CA LYS C 312 16.11 22.57 -17.21
C LYS C 312 15.07 22.92 -16.15
N ARG C 313 15.12 22.28 -14.99
CA ARG C 313 14.17 22.56 -13.92
C ARG C 313 14.89 23.03 -12.66
N LYS C 314 15.83 23.97 -12.83
CA LYS C 314 16.58 24.49 -11.69
C LYS C 314 15.71 25.22 -10.69
N ASP C 315 14.51 25.65 -11.10
CA ASP C 315 13.60 26.33 -10.19
C ASP C 315 13.00 25.40 -9.14
N THR C 316 13.19 24.08 -9.27
CA THR C 316 12.67 23.13 -8.30
C THR C 316 13.68 22.07 -7.87
N LYS C 317 14.86 22.01 -8.50
CA LYS C 317 15.87 21.02 -8.16
C LYS C 317 17.23 21.71 -8.03
N GLU C 318 18.12 21.06 -7.29
CA GLU C 318 19.48 21.55 -7.10
C GLU C 318 20.47 20.42 -7.32
N ILE C 319 21.66 20.78 -7.79
CA ILE C 319 22.71 19.82 -8.09
C ILE C 319 23.86 20.06 -7.12
N TYR C 320 24.24 19.03 -6.36
CA TYR C 320 25.36 19.10 -5.43
C TYR C 320 26.56 18.44 -6.09
N THR C 321 27.49 19.24 -6.58
CA THR C 321 28.65 18.76 -7.31
C THR C 321 29.85 18.69 -6.37
N HIS C 322 30.55 17.55 -6.38
CA HIS C 322 31.71 17.37 -5.51
C HIS C 322 32.77 16.55 -6.23
N PHE C 323 34.01 16.76 -5.82
CA PHE C 323 35.16 16.02 -6.33
C PHE C 323 35.66 15.06 -5.26
N THR C 324 36.07 13.86 -5.69
CA THR C 324 36.50 12.82 -4.78
C THR C 324 37.98 12.50 -5.00
N CYS C 325 38.61 12.00 -3.93
CA CYS C 325 40.02 11.62 -3.98
C CYS C 325 40.27 10.61 -2.88
N ALA C 326 41.40 9.90 -3.00
CA ALA C 326 41.77 8.85 -2.04
C ALA C 326 42.49 9.42 -0.83
N THR C 327 41.89 10.44 -0.21
CA THR C 327 42.40 11.08 0.98
C THR C 327 41.33 12.02 1.50
N ASP C 328 41.43 12.35 2.80
CA ASP C 328 40.48 13.22 3.50
C ASP C 328 39.04 12.89 3.11
N THR C 329 38.58 11.69 3.47
CA THR C 329 37.34 11.14 2.93
C THR C 329 36.15 11.91 3.49
N LYS C 330 35.93 13.09 2.92
CA LYS C 330 34.76 13.90 3.22
C LYS C 330 33.61 13.65 2.26
N ASN C 331 33.76 12.71 1.33
CA ASN C 331 32.68 12.40 0.39
C ASN C 331 31.46 11.87 1.12
N VAL C 332 31.66 11.01 2.12
CA VAL C 332 30.55 10.55 2.95
C VAL C 332 29.95 11.73 3.71
N GLN C 333 30.80 12.61 4.23
CA GLN C 333 30.31 13.80 4.93
C GLN C 333 29.56 14.73 3.97
N PHE C 334 30.05 14.87 2.74
CA PHE C 334 29.36 15.69 1.75
C PHE C 334 27.98 15.12 1.42
N VAL C 335 27.91 13.79 1.25
CA VAL C 335 26.63 13.15 0.97
C VAL C 335 25.69 13.31 2.16
N PHE C 336 26.22 13.22 3.38
CA PHE C 336 25.40 13.44 4.57
C PHE C 336 24.87 14.87 4.60
N ASP C 337 25.70 15.85 4.25
CA ASP C 337 25.26 17.24 4.23
C ASP C 337 24.17 17.45 3.18
N ALA C 338 24.35 16.88 1.99
CA ALA C 338 23.33 17.00 0.95
C ALA C 338 22.04 16.31 1.36
N VAL C 339 22.15 15.17 2.05
CA VAL C 339 20.97 14.47 2.54
C VAL C 339 20.25 15.31 3.58
N THR C 340 20.99 15.97 4.47
CA THR C 340 20.37 16.85 5.45
C THR C 340 19.68 18.02 4.76
N ASP C 341 20.30 18.58 3.72
CA ASP C 341 19.70 19.70 3.00
C ASP C 341 18.39 19.27 2.33
N VAL C 342 18.40 18.12 1.64
CA VAL C 342 17.18 17.67 0.98
C VAL C 342 16.13 17.23 2.00
N ILE C 343 16.56 16.76 3.17
CA ILE C 343 15.61 16.43 4.23
C ILE C 343 14.96 17.69 4.77
N ILE C 344 15.74 18.77 4.90
CA ILE C 344 15.18 20.06 5.28
C ILE C 344 14.16 20.52 4.24
N LYS C 345 14.50 20.36 2.97
CA LYS C 345 13.57 20.69 1.89
C LYS C 345 12.26 19.92 2.03
N ASN C 346 12.36 18.60 2.23
CA ASN C 346 11.16 17.77 2.33
C ASN C 346 10.35 18.11 3.56
N ASN C 347 11.01 18.35 4.69
CA ASN C 347 10.30 18.71 5.92
C ASN C 347 9.60 20.06 5.76
N LEU C 348 10.25 21.02 5.10
CA LEU C 348 9.60 22.29 4.81
C LEU C 348 8.38 22.09 3.92
N LYS C 349 8.49 21.22 2.93
CA LYS C 349 7.33 20.90 2.10
C LYS C 349 6.20 20.30 2.93
N ASP C 350 6.54 19.43 3.88
CA ASP C 350 5.53 18.81 4.72
C ASP C 350 4.97 19.79 5.74
N CYS C 351 5.82 20.68 6.27
CA CYS C 351 5.45 21.57 7.36
C CYS C 351 5.04 22.95 6.89
N GLY C 352 4.46 23.06 5.69
CA GLY C 352 3.97 24.35 5.24
C GLY C 352 4.96 25.14 4.42
N LEU C 353 5.68 26.05 5.07
CA LEU C 353 6.63 26.94 4.42
C LEU C 353 7.54 26.19 3.47
N PHE C 354 7.49 26.58 2.20
CA PHE C 354 8.32 25.97 1.15
C PHE C 354 8.09 24.46 1.05
N ASN D 13 -20.87 53.85 11.06
CA ASN D 13 -21.05 53.08 12.28
C ASN D 13 -21.73 51.75 11.96
N HIS D 14 -23.01 51.81 11.61
CA HIS D 14 -23.76 50.59 11.29
C HIS D 14 -23.23 49.95 10.02
N TRP D 15 -22.96 50.76 8.99
CA TRP D 15 -22.47 50.20 7.73
C TRP D 15 -21.13 49.52 7.92
N LEU D 16 -20.19 50.22 8.56
CA LEU D 16 -18.83 49.71 8.72
C LEU D 16 -18.83 48.35 9.41
N VAL D 17 -19.81 48.09 10.27
CA VAL D 17 -19.84 46.79 10.94
C VAL D 17 -20.58 45.75 10.10
N PHE D 18 -21.83 46.03 9.68
CA PHE D 18 -22.60 44.90 9.17
C PHE D 18 -22.15 44.54 7.76
N SER D 19 -21.75 45.54 6.95
CA SER D 19 -21.33 45.24 5.59
C SER D 19 -20.10 44.35 5.58
N VAL D 20 -19.09 44.70 6.40
CA VAL D 20 -17.88 43.88 6.43
C VAL D 20 -18.16 42.54 7.08
N TYR D 21 -19.05 42.47 8.08
CA TYR D 21 -19.37 41.17 8.66
C TYR D 21 -20.04 40.25 7.65
N LEU D 22 -20.99 40.78 6.86
CA LEU D 22 -21.62 39.93 5.86
C LEU D 22 -20.66 39.56 4.74
N PHE D 23 -19.75 40.47 4.37
CA PHE D 23 -18.71 40.12 3.40
C PHE D 23 -17.84 38.99 3.92
N THR D 24 -17.45 39.06 5.19
CA THR D 24 -16.64 38.00 5.79
C THR D 24 -17.40 36.68 5.80
N PHE D 25 -18.69 36.71 6.17
CA PHE D 25 -19.47 35.48 6.20
C PHE D 25 -19.60 34.89 4.80
N LEU D 26 -19.83 35.73 3.79
CA LEU D 26 -19.98 35.23 2.43
C LEU D 26 -18.67 34.65 1.90
N VAL D 27 -17.55 35.29 2.22
CA VAL D 27 -16.28 34.87 1.63
C VAL D 27 -15.70 33.65 2.35
N GLY D 28 -15.70 33.66 3.69
CA GLY D 28 -14.91 32.69 4.43
C GLY D 28 -15.36 31.25 4.28
N LEU D 29 -16.68 31.02 4.24
CA LEU D 29 -17.20 29.65 4.31
C LEU D 29 -16.67 28.75 3.19
N PRO D 30 -16.71 29.13 1.89
CA PRO D 30 -16.28 28.18 0.85
C PRO D 30 -14.84 27.69 1.00
N LEU D 31 -13.87 28.61 1.00
CA LEU D 31 -12.49 28.16 1.04
C LEU D 31 -12.17 27.49 2.36
N ASN D 32 -12.85 27.86 3.44
CA ASN D 32 -12.61 27.20 4.72
C ASN D 32 -13.10 25.75 4.69
N LEU D 33 -14.27 25.52 4.10
CA LEU D 33 -14.76 24.15 3.96
C LEU D 33 -13.87 23.31 3.04
N LEU D 34 -13.42 23.90 1.93
CA LEU D 34 -12.49 23.17 1.07
C LEU D 34 -11.17 22.90 1.77
N ALA D 35 -10.70 23.84 2.60
CA ALA D 35 -9.50 23.59 3.40
C ALA D 35 -9.72 22.43 4.36
N LEU D 36 -10.90 22.36 4.98
CA LEU D 36 -11.24 21.22 5.83
C LEU D 36 -11.16 19.92 5.05
N VAL D 37 -11.74 19.89 3.84
CA VAL D 37 -11.77 18.67 3.05
C VAL D 37 -10.35 18.25 2.68
N ILE D 38 -9.54 19.22 2.23
CA ILE D 38 -8.18 18.90 1.79
C ILE D 38 -7.33 18.43 2.97
N PHE D 39 -7.50 19.06 4.15
CA PHE D 39 -6.70 18.65 5.29
C PHE D 39 -7.15 17.30 5.84
N VAL D 40 -8.44 17.00 5.74
CA VAL D 40 -8.92 15.65 6.09
C VAL D 40 -8.28 14.63 5.17
N GLY D 41 -8.25 14.91 3.86
CA GLY D 41 -7.58 14.01 2.94
C GLY D 41 -6.09 13.87 3.22
N LYS D 42 -5.44 14.99 3.55
CA LYS D 42 -4.02 14.98 3.85
C LYS D 42 -3.71 14.12 5.07
N LEU D 43 -4.53 14.22 6.11
CA LEU D 43 -4.37 13.34 7.26
C LEU D 43 -4.72 11.90 6.89
N ARG D 44 -5.62 11.70 5.92
CA ARG D 44 -5.97 10.35 5.49
C ARG D 44 -4.79 9.65 4.82
N ARG D 45 -4.06 10.37 3.95
CA ARG D 45 -2.94 9.73 3.25
C ARG D 45 -1.78 9.48 4.21
N ARG D 46 -1.25 10.54 4.83
CA ARG D 46 -0.19 10.41 5.80
C ARG D 46 -0.21 11.59 6.75
N PRO D 47 -0.18 11.37 8.06
CA PRO D 47 -0.24 12.48 9.02
C PRO D 47 1.14 12.96 9.45
N VAL D 48 1.25 14.28 9.62
CA VAL D 48 2.43 14.92 10.15
C VAL D 48 2.04 15.77 11.35
N ALA D 49 3.05 16.25 12.08
CA ALA D 49 2.79 17.00 13.31
C ALA D 49 2.04 18.30 13.03
N VAL D 50 2.42 19.00 11.96
CA VAL D 50 1.81 20.30 11.69
C VAL D 50 0.39 20.16 11.13
N ASP D 51 0.06 19.02 10.54
CA ASP D 51 -1.26 18.86 9.93
C ASP D 51 -2.37 18.93 10.98
N VAL D 52 -2.17 18.28 12.13
CA VAL D 52 -3.21 18.28 13.15
C VAL D 52 -3.37 19.69 13.75
N LEU D 53 -2.26 20.41 13.94
CA LEU D 53 -2.35 21.78 14.44
C LEU D 53 -3.09 22.66 13.45
N LEU D 54 -2.77 22.53 12.15
CA LEU D 54 -3.41 23.35 11.14
C LEU D 54 -4.90 23.04 11.05
N LEU D 55 -5.26 21.76 11.08
CA LEU D 55 -6.66 21.37 11.03
C LEU D 55 -7.42 21.87 12.24
N ASN D 56 -6.80 21.81 13.43
CA ASN D 56 -7.46 22.31 14.63
C ASN D 56 -7.66 23.82 14.55
N LEU D 57 -6.67 24.55 14.05
CA LEU D 57 -6.85 25.98 13.84
C LEU D 57 -7.98 26.27 12.87
N THR D 58 -8.04 25.50 11.77
CA THR D 58 -9.07 25.75 10.77
C THR D 58 -10.46 25.38 11.27
N LEU D 59 -10.56 24.36 12.14
CA LEU D 59 -11.86 24.05 12.72
C LEU D 59 -12.26 25.07 13.79
N SER D 60 -11.29 25.66 14.48
CA SER D 60 -11.60 26.80 15.32
C SER D 60 -12.11 27.96 14.48
N ASP D 61 -11.53 28.15 13.30
CA ASP D 61 -12.05 29.15 12.36
C ASP D 61 -13.48 28.83 11.95
N LEU D 62 -13.78 27.56 11.70
CA LEU D 62 -15.16 27.16 11.42
C LEU D 62 -16.08 27.50 12.59
N LEU D 63 -15.64 27.20 13.81
CA LEU D 63 -16.48 27.45 14.98
C LEU D 63 -16.74 28.95 15.16
N LEU D 64 -15.75 29.78 14.85
CA LEU D 64 -15.96 31.22 14.89
C LEU D 64 -16.90 31.69 13.78
N LEU D 65 -16.69 31.21 12.55
CA LEU D 65 -17.43 31.65 11.38
C LEU D 65 -18.84 31.11 11.31
N LEU D 66 -19.17 30.07 12.09
CA LEU D 66 -20.51 29.53 12.14
C LEU D 66 -21.36 30.13 13.25
N PHE D 67 -20.73 30.72 14.27
CA PHE D 67 -21.45 31.30 15.39
C PHE D 67 -21.43 32.82 15.41
N LEU D 68 -20.52 33.46 14.67
CA LEU D 68 -20.61 34.91 14.54
C LEU D 68 -21.78 35.38 13.69
N PRO D 69 -22.27 34.60 12.70
CA PRO D 69 -23.49 35.06 11.99
C PRO D 69 -24.68 35.25 12.90
N PHE D 70 -24.76 34.50 14.00
CA PHE D 70 -25.84 34.73 14.96
C PHE D 70 -25.77 36.13 15.54
N ARG D 71 -24.56 36.60 15.88
CA ARG D 71 -24.38 37.95 16.36
C ARG D 71 -24.39 38.97 15.22
N MET D 72 -24.31 38.52 13.97
CA MET D 72 -24.27 39.45 12.85
C MET D 72 -25.65 39.96 12.45
N VAL D 73 -26.64 39.07 12.37
CA VAL D 73 -27.95 39.42 11.79
C VAL D 73 -28.81 39.93 12.93
N GLU D 74 -28.60 41.20 13.29
CA GLU D 74 -29.58 41.95 14.07
C GLU D 74 -29.65 43.41 13.65
N ALA D 75 -28.98 43.79 12.56
CA ALA D 75 -28.82 45.14 12.06
C ALA D 75 -27.97 46.02 12.99
N ALA D 76 -27.38 45.44 14.04
CA ALA D 76 -26.51 46.16 14.96
C ALA D 76 -27.19 47.43 15.49
N SER D 77 -28.40 47.25 16.01
CA SER D 77 -29.21 48.39 16.45
C SER D 77 -28.69 48.95 17.76
N GLY D 78 -27.72 49.86 17.69
CA GLY D 78 -27.19 50.50 18.88
C GLY D 78 -26.53 49.55 19.86
N MET D 79 -25.90 48.49 19.37
CA MET D 79 -25.25 47.49 20.22
C MET D 79 -26.23 46.91 21.23
N HIS D 80 -27.47 46.70 20.80
CA HIS D 80 -28.52 46.15 21.64
C HIS D 80 -28.90 44.76 21.14
N TRP D 81 -29.23 43.89 22.09
CA TRP D 81 -29.49 42.49 21.77
C TRP D 81 -30.98 42.20 21.83
N PRO D 82 -31.63 41.85 20.72
CA PRO D 82 -33.05 41.49 20.78
C PRO D 82 -33.23 40.07 21.31
N LEU D 83 -32.25 39.21 21.07
CA LEU D 83 -32.30 37.84 21.55
C LEU D 83 -32.01 37.80 23.05
N PRO D 84 -32.43 36.73 23.73
CA PRO D 84 -32.29 36.70 25.20
C PRO D 84 -30.84 36.84 25.67
N PHE D 85 -30.71 37.19 26.95
CA PHE D 85 -29.41 37.46 27.56
C PHE D 85 -28.54 36.20 27.71
N ILE D 86 -29.14 35.01 27.56
CA ILE D 86 -28.39 33.78 27.77
C ILE D 86 -27.29 33.63 26.72
N LEU D 87 -27.49 34.23 25.55
CA LEU D 87 -26.62 33.96 24.40
C LEU D 87 -25.38 34.85 24.33
N CYS D 88 -25.40 36.03 24.97
CA CYS D 88 -24.17 36.84 25.05
C CYS D 88 -23.01 36.07 25.66
N PRO D 89 -23.14 35.42 26.82
CA PRO D 89 -21.99 34.68 27.37
C PRO D 89 -21.43 33.65 26.41
N LEU D 90 -22.29 32.82 25.82
CA LEU D 90 -21.82 31.76 24.93
C LEU D 90 -21.13 32.34 23.70
N SER D 91 -21.76 33.34 23.07
CA SER D 91 -21.20 33.91 21.85
C SER D 91 -19.86 34.57 22.12
N GLY D 92 -19.79 35.39 23.18
CA GLY D 92 -18.53 36.05 23.50
C GLY D 92 -17.44 35.06 23.87
N PHE D 93 -17.77 34.04 24.66
CA PHE D 93 -16.79 33.04 25.04
C PHE D 93 -16.23 32.34 23.81
N LEU D 94 -17.11 31.87 22.92
CA LEU D 94 -16.64 31.16 21.73
C LEU D 94 -15.80 32.07 20.84
N PHE D 95 -16.23 33.32 20.66
CA PHE D 95 -15.54 34.21 19.72
C PHE D 95 -14.15 34.57 20.24
N PHE D 96 -14.06 34.96 21.52
CA PHE D 96 -12.75 35.28 22.10
C PHE D 96 -11.86 34.04 22.18
N THR D 97 -12.44 32.88 22.49
CA THR D 97 -11.65 31.65 22.52
C THR D 97 -11.06 31.35 21.16
N THR D 98 -11.84 31.52 20.09
CA THR D 98 -11.32 31.29 18.75
C THR D 98 -10.19 32.26 18.42
N ILE D 99 -10.37 33.55 18.75
CA ILE D 99 -9.33 34.54 18.44
C ILE D 99 -8.03 34.20 19.16
N TYR D 100 -8.11 33.90 20.46
CA TYR D 100 -6.88 33.62 21.19
C TYR D 100 -6.30 32.26 20.85
N LEU D 101 -7.15 31.33 20.42
CA LEU D 101 -6.67 30.03 19.97
C LEU D 101 -5.85 30.16 18.69
N THR D 102 -6.27 31.05 17.78
CA THR D 102 -5.47 31.29 16.59
C THR D 102 -4.07 31.79 16.95
N ALA D 103 -4.01 32.72 17.92
CA ALA D 103 -2.73 33.27 18.36
C ALA D 103 -1.86 32.22 19.01
N LEU D 104 -2.44 31.31 19.79
CA LEU D 104 -1.66 30.21 20.34
C LEU D 104 -1.18 29.26 19.24
N PHE D 105 -2.06 28.98 18.27
CA PHE D 105 -1.79 27.91 17.31
C PHE D 105 -0.73 28.30 16.29
N LEU D 106 -0.73 29.54 15.80
CA LEU D 106 0.30 29.84 14.82
C LEU D 106 1.66 29.90 15.49
N ALA D 107 1.71 30.28 16.77
CA ALA D 107 2.95 30.19 17.53
C ALA D 107 3.38 28.73 17.69
N ALA D 108 2.43 27.83 17.93
CA ALA D 108 2.76 26.42 18.05
C ALA D 108 3.33 25.86 16.75
N VAL D 109 2.70 26.20 15.61
CA VAL D 109 3.22 25.73 14.33
C VAL D 109 4.55 26.41 14.02
N SER D 110 4.76 27.63 14.50
CA SER D 110 6.07 28.27 14.37
C SER D 110 7.14 27.48 15.12
N ILE D 111 6.81 27.04 16.33
CA ILE D 111 7.75 26.22 17.10
C ILE D 111 8.04 24.92 16.35
N GLU D 112 7.01 24.30 15.78
CA GLU D 112 7.21 23.06 15.04
C GLU D 112 8.10 23.28 13.81
N ARG D 113 7.86 24.37 13.08
CA ARG D 113 8.68 24.66 11.90
C ARG D 113 10.13 24.94 12.29
N PHE D 114 10.34 25.68 13.38
CA PHE D 114 11.70 25.93 13.85
C PHE D 114 12.39 24.63 14.25
N LEU D 115 11.67 23.74 14.93
CA LEU D 115 12.24 22.44 15.29
C LEU D 115 12.60 21.63 14.04
N SER D 116 11.76 21.67 13.02
CA SER D 116 12.06 20.96 11.78
C SER D 116 13.30 21.54 11.10
N VAL D 117 13.41 22.87 11.05
CA VAL D 117 14.53 23.50 10.36
C VAL D 117 15.84 23.26 11.12
N ALA D 118 15.82 23.47 12.45
CA ALA D 118 17.06 23.41 13.21
C ALA D 118 17.59 21.98 13.32
N TYR D 119 16.70 21.03 13.58
CA TYR D 119 17.08 19.62 13.79
C TYR D 119 16.26 18.76 12.84
N PRO D 120 16.65 18.69 11.57
CA PRO D 120 15.89 17.86 10.61
C PRO D 120 15.86 16.39 10.98
N LEU D 121 16.95 15.85 11.52
CA LEU D 121 16.98 14.45 11.91
C LEU D 121 16.03 14.20 13.08
N TRP D 122 15.97 15.12 14.02
CA TRP D 122 15.04 14.99 15.14
C TRP D 122 13.60 14.95 14.68
N TYR D 123 13.25 15.80 13.71
CA TYR D 123 11.89 15.79 13.16
C TYR D 123 11.62 14.51 12.36
N LYS D 124 12.61 14.05 11.58
CA LYS D 124 12.39 12.90 10.73
C LYS D 124 12.24 11.61 11.54
N THR D 125 13.07 11.43 12.57
CA THR D 125 13.09 10.16 13.29
C THR D 125 11.95 10.07 14.29
N ARG D 126 11.85 11.03 15.19
CA ARG D 126 10.88 10.93 16.29
C ARG D 126 9.47 11.24 15.78
N PRO D 127 8.51 10.34 16.01
CA PRO D 127 7.12 10.59 15.58
C PRO D 127 6.36 11.48 16.55
N ARG D 128 6.47 12.80 16.38
CA ARG D 128 5.90 13.77 17.30
C ARG D 128 4.40 13.98 17.10
N LEU D 129 3.71 13.06 16.43
CA LEU D 129 2.27 13.20 16.23
C LEU D 129 1.54 13.25 17.56
N GLY D 130 1.89 12.36 18.49
CA GLY D 130 1.28 12.39 19.80
C GLY D 130 1.58 13.67 20.56
N GLN D 131 2.83 14.15 20.47
CA GLN D 131 3.18 15.40 21.10
C GLN D 131 2.44 16.58 20.46
N ALA D 132 2.25 16.53 19.14
CA ALA D 132 1.47 17.57 18.47
C ALA D 132 0.03 17.56 18.95
N GLY D 133 -0.57 16.37 19.10
CA GLY D 133 -1.91 16.29 19.63
C GLY D 133 -2.01 16.81 21.05
N LEU D 134 -1.01 16.47 21.89
CA LEU D 134 -0.99 16.98 23.25
C LEU D 134 -0.88 18.49 23.29
N VAL D 135 -0.04 19.07 22.43
CA VAL D 135 0.10 20.51 22.37
C VAL D 135 -1.22 21.16 21.94
N SER D 136 -1.88 20.58 20.93
CA SER D 136 -3.13 21.15 20.45
C SER D 136 -4.19 21.11 21.54
N VAL D 137 -4.33 19.97 22.23
CA VAL D 137 -5.36 19.88 23.26
C VAL D 137 -5.02 20.77 24.44
N ALA D 138 -3.73 20.91 24.78
CA ALA D 138 -3.34 21.80 25.86
C ALA D 138 -3.68 23.25 25.53
N CYS D 139 -3.39 23.68 24.30
CA CYS D 139 -3.75 25.04 23.90
C CYS D 139 -5.26 25.22 23.87
N TRP D 140 -5.99 24.21 23.39
CA TRP D 140 -7.45 24.23 23.43
C TRP D 140 -7.96 24.49 24.84
N LEU D 141 -7.51 23.69 25.82
CA LEU D 141 -8.01 23.82 27.18
C LEU D 141 -7.56 25.13 27.81
N LEU D 142 -6.32 25.55 27.54
CA LEU D 142 -5.82 26.80 28.09
C LEU D 142 -6.65 27.98 27.60
N ALA D 143 -6.86 28.07 26.28
CA ALA D 143 -7.65 29.15 25.72
C ALA D 143 -9.08 29.11 26.21
N SER D 144 -9.67 27.91 26.27
CA SER D 144 -11.05 27.78 26.71
C SER D 144 -11.21 28.28 28.14
N ALA D 145 -10.36 27.81 29.06
CA ALA D 145 -10.47 28.22 30.45
C ALA D 145 -10.16 29.71 30.60
N HIS D 146 -9.15 30.22 29.89
CA HIS D 146 -8.78 31.61 30.02
C HIS D 146 -9.91 32.53 29.56
N CYS D 147 -10.44 32.29 28.36
CA CYS D 147 -11.56 33.10 27.89
C CYS D 147 -12.86 32.81 28.62
N SER D 148 -12.94 31.68 29.32
CA SER D 148 -14.12 31.39 30.13
C SER D 148 -14.09 32.17 31.43
N VAL D 149 -12.91 32.43 31.97
CA VAL D 149 -12.81 33.22 33.19
C VAL D 149 -13.43 34.60 32.98
N VAL D 150 -13.16 35.21 31.83
CA VAL D 150 -13.59 36.58 31.58
C VAL D 150 -15.11 36.67 31.58
N TYR D 151 -15.79 35.75 30.86
CA TYR D 151 -17.23 35.81 30.79
C TYR D 151 -17.92 35.16 31.98
N VAL D 152 -17.19 34.39 32.80
CA VAL D 152 -17.73 33.96 34.07
C VAL D 152 -17.78 35.12 35.06
N ILE D 153 -16.70 35.91 35.11
CA ILE D 153 -16.72 37.11 35.94
C ILE D 153 -17.75 38.10 35.41
N GLU D 154 -17.81 38.29 34.10
CA GLU D 154 -18.79 39.18 33.47
C GLU D 154 -20.07 38.41 33.24
N PHE D 155 -20.80 38.18 34.34
CA PHE D 155 -22.10 37.53 34.28
C PHE D 155 -23.21 38.42 34.83
N SER D 156 -23.02 38.98 36.02
CA SER D 156 -24.00 39.87 36.65
C SER D 156 -23.37 40.48 37.89
N GLY D 157 -23.76 41.71 38.19
CA GLY D 157 -23.29 42.42 39.36
C GLY D 157 -24.21 42.36 40.56
N ASP D 158 -25.31 41.62 40.48
CA ASP D 158 -26.25 41.53 41.59
C ASP D 158 -26.43 40.07 42.02
N THR D 165 -33.09 43.94 25.79
CA THR D 165 -33.52 45.32 25.91
C THR D 165 -33.20 45.85 27.31
N ASN D 166 -33.51 45.04 28.33
CA ASN D 166 -33.22 45.44 29.70
C ASN D 166 -31.72 45.58 29.93
N GLY D 167 -30.93 44.67 29.36
CA GLY D 167 -29.49 44.76 29.48
C GLY D 167 -28.83 44.30 28.20
N THR D 168 -27.56 44.69 28.06
CA THR D 168 -26.77 44.35 26.88
C THR D 168 -25.39 43.88 27.32
N CYS D 169 -24.58 43.42 26.36
CA CYS D 169 -23.29 42.82 26.66
C CYS D 169 -22.20 43.53 25.85
N TYR D 170 -21.05 43.72 26.50
CA TYR D 170 -19.84 44.31 25.89
C TYR D 170 -20.06 45.77 25.51
N LEU D 171 -20.38 46.58 26.51
CA LEU D 171 -20.51 48.04 26.43
C LEU D 171 -20.05 48.64 27.75
N GLU D 172 -20.49 49.86 28.05
CA GLU D 172 -20.22 50.46 29.34
C GLU D 172 -20.71 49.55 30.47
N PHE D 173 -19.76 49.02 31.25
CA PHE D 173 -20.05 48.19 32.40
C PHE D 173 -20.23 49.03 33.66
N ARG D 174 -20.35 48.34 34.79
CA ARG D 174 -20.56 48.94 36.10
C ARG D 174 -19.26 48.97 36.87
N GLU D 175 -19.32 49.49 38.10
CA GLU D 175 -18.12 49.68 38.89
C GLU D 175 -17.47 48.34 39.25
N ASP D 176 -18.27 47.42 39.79
CA ASP D 176 -17.73 46.14 40.22
C ASP D 176 -17.18 45.34 39.05
N GLN D 177 -17.88 45.35 37.91
CA GLN D 177 -17.40 44.61 36.75
C GLN D 177 -16.11 45.23 36.20
N LEU D 178 -16.09 46.56 36.08
CA LEU D 178 -14.92 47.25 35.52
C LEU D 178 -13.71 47.11 36.42
N ALA D 179 -13.92 47.01 37.74
CA ALA D 179 -12.80 46.89 38.67
C ALA D 179 -12.03 45.60 38.43
N ILE D 180 -12.73 44.51 38.14
CA ILE D 180 -12.08 43.22 37.94
C ILE D 180 -11.69 42.99 36.49
N LEU D 181 -12.40 43.60 35.53
CA LEU D 181 -12.15 43.33 34.12
C LEU D 181 -10.76 43.82 33.70
N LEU D 182 -10.35 44.98 34.19
CA LEU D 182 -9.09 45.56 33.70
C LEU D 182 -7.88 44.68 33.99
N PRO D 183 -7.67 44.13 35.20
CA PRO D 183 -6.49 43.27 35.40
C PRO D 183 -6.48 42.03 34.53
N VAL D 184 -7.60 41.31 34.42
CA VAL D 184 -7.61 40.10 33.61
C VAL D 184 -7.42 40.42 32.14
N ARG D 185 -7.98 41.54 31.66
CA ARG D 185 -7.77 41.93 30.27
C ARG D 185 -6.31 42.29 30.01
N LEU D 186 -5.68 43.00 30.95
CA LEU D 186 -4.26 43.32 30.77
C LEU D 186 -3.41 42.05 30.78
N GLU D 187 -3.75 41.10 31.66
CA GLU D 187 -3.07 39.81 31.65
C GLU D 187 -3.31 39.08 30.33
N MET D 188 -4.50 39.21 29.76
CA MET D 188 -4.80 38.60 28.47
C MET D 188 -3.90 39.17 27.39
N ALA D 189 -3.75 40.50 27.37
CA ALA D 189 -2.94 41.15 26.35
C ALA D 189 -1.46 40.87 26.52
N VAL D 190 -0.98 40.75 27.76
CA VAL D 190 0.45 40.59 28.01
C VAL D 190 0.89 39.13 28.09
N VAL D 191 -0.04 38.19 28.20
CA VAL D 191 0.28 36.77 28.35
C VAL D 191 -0.14 35.97 27.13
N LEU D 192 -1.41 36.09 26.73
CA LEU D 192 -1.93 35.30 25.62
C LEU D 192 -1.58 35.90 24.26
N PHE D 193 -1.00 37.09 24.22
CA PHE D 193 -0.54 37.70 22.98
C PHE D 193 0.95 37.99 23.00
N GLY D 194 1.44 38.64 24.05
CA GLY D 194 2.85 38.99 24.09
C GLY D 194 3.76 37.78 24.12
N VAL D 195 3.43 36.80 24.97
CA VAL D 195 4.23 35.58 25.03
C VAL D 195 4.20 34.80 23.71
N PRO D 196 3.05 34.54 23.10
CA PRO D 196 3.08 33.87 21.78
C PRO D 196 3.83 34.66 20.71
N LEU D 197 3.72 35.98 20.70
CA LEU D 197 4.44 36.77 19.71
C LEU D 197 5.95 36.68 19.94
N LEU D 198 6.39 36.78 21.19
CA LEU D 198 7.81 36.63 21.49
C LEU D 198 8.29 35.23 21.13
N ILE D 199 7.49 34.21 21.41
CA ILE D 199 7.88 32.84 21.11
C ILE D 199 8.01 32.63 19.61
N THR D 200 7.05 33.12 18.83
CA THR D 200 7.11 32.92 17.39
C THR D 200 8.25 33.71 16.76
N SER D 201 8.52 34.91 17.27
CA SER D 201 9.68 35.67 16.77
C SER D 201 10.98 34.95 17.12
N TYR D 202 11.08 34.43 18.35
CA TYR D 202 12.29 33.74 18.77
C TYR D 202 12.53 32.48 17.94
N CYS D 203 11.47 31.74 17.64
CA CYS D 203 11.61 30.51 16.86
C CYS D 203 11.83 30.80 15.37
N TYR D 204 11.25 31.89 14.85
CA TYR D 204 11.33 32.19 13.43
C TYR D 204 12.56 32.99 13.06
N SER D 205 13.26 33.58 14.04
CA SER D 205 14.48 34.31 13.73
C SER D 205 15.56 33.40 13.18
N ARG D 206 15.73 32.22 13.79
CA ARG D 206 16.74 31.29 13.32
C ARG D 206 16.33 30.50 12.08
N LEU D 207 15.05 30.57 11.70
CA LEU D 207 14.61 29.84 10.51
C LEU D 207 15.35 30.33 9.27
N VAL D 208 15.54 31.64 9.16
CA VAL D 208 16.33 32.18 8.05
C VAL D 208 17.82 32.12 8.33
N TRP D 209 18.23 32.21 9.60
CA TRP D 209 19.65 32.18 9.93
C TRP D 209 20.28 30.84 9.58
N ILE D 210 19.62 29.75 9.93
CA ILE D 210 20.15 28.42 9.61
C ILE D 210 20.09 28.17 8.12
N LEU D 211 18.99 28.57 7.47
CA LEU D 211 18.85 28.36 6.03
C LEU D 211 19.80 29.23 5.22
N GLY D 212 20.34 30.29 5.81
CA GLY D 212 21.27 31.13 5.06
C GLY D 212 22.58 30.43 4.73
N ARG D 213 23.05 29.58 5.65
CA ARG D 213 24.35 28.92 5.49
C ARG D 213 24.23 27.80 4.47
N GLY D 214 24.90 27.97 3.32
CA GLY D 214 24.96 26.93 2.31
C GLY D 214 23.62 26.48 1.75
N ALA D 215 22.95 27.37 1.03
CA ALA D 215 21.67 27.04 0.42
C ALA D 215 21.44 27.94 -0.77
N SER D 216 20.47 27.56 -1.60
CA SER D 216 20.13 28.32 -2.78
C SER D 216 19.45 29.64 -2.41
N HIS D 217 19.54 30.61 -3.33
CA HIS D 217 18.94 31.91 -3.09
C HIS D 217 17.41 31.84 -3.12
N ARG D 218 16.84 30.99 -3.96
CA ARG D 218 15.38 30.89 -4.03
C ARG D 218 14.80 30.33 -2.75
N ARG D 219 15.52 29.41 -2.09
CA ARG D 219 15.06 28.90 -0.80
C ARG D 219 14.92 30.04 0.22
N ARG D 220 15.98 30.83 0.38
CA ARG D 220 15.96 31.93 1.32
C ARG D 220 14.89 32.95 0.94
N ARG D 221 14.76 33.24 -0.36
CA ARG D 221 13.77 34.21 -0.80
C ARG D 221 12.36 33.75 -0.45
N ARG D 222 12.02 32.50 -0.76
CA ARG D 222 10.68 32.01 -0.48
C ARG D 222 10.40 31.92 1.00
N VAL D 223 11.36 31.43 1.79
CA VAL D 223 11.11 31.30 3.23
C VAL D 223 11.01 32.69 3.87
N ALA D 224 11.82 33.65 3.41
CA ALA D 224 11.73 35.01 3.96
C ALA D 224 10.41 35.66 3.58
N GLY D 225 9.94 35.44 2.34
CA GLY D 225 8.64 35.96 1.95
C GLY D 225 7.52 35.39 2.79
N LEU D 226 7.58 34.08 3.08
CA LEU D 226 6.55 33.47 3.91
C LEU D 226 6.63 33.95 5.35
N VAL D 227 7.85 34.15 5.87
CA VAL D 227 8.01 34.71 7.21
C VAL D 227 7.38 36.10 7.27
N ALA D 228 7.66 36.93 6.28
CA ALA D 228 7.09 38.27 6.23
C ALA D 228 5.57 38.20 6.14
N ALA D 229 5.05 37.29 5.31
CA ALA D 229 3.60 37.17 5.17
C ALA D 229 2.95 36.80 6.49
N THR D 230 3.46 35.78 7.18
CA THR D 230 2.86 35.35 8.43
C THR D 230 2.99 36.41 9.52
N LEU D 231 4.17 37.02 9.64
CA LEU D 231 4.36 38.04 10.67
C LEU D 231 3.52 39.28 10.40
N LEU D 232 3.41 39.71 9.15
CA LEU D 232 2.57 40.84 8.82
C LEU D 232 1.10 40.53 9.03
N ASN D 233 0.67 39.30 8.72
CA ASN D 233 -0.70 38.89 9.02
C ASN D 233 -0.98 39.01 10.51
N PHE D 234 -0.12 38.41 11.34
CA PHE D 234 -0.30 38.49 12.78
C PHE D 234 -0.31 39.94 13.25
N LEU D 235 0.66 40.74 12.84
CA LEU D 235 0.73 42.13 13.30
C LEU D 235 -0.50 42.91 12.89
N VAL D 236 -0.83 42.93 11.59
CA VAL D 236 -1.93 43.74 11.11
C VAL D 236 -3.24 43.31 11.74
N CYS D 237 -3.44 42.00 11.93
CA CYS D 237 -4.72 41.52 12.43
C CYS D 237 -4.86 41.70 13.93
N PHE D 238 -3.83 41.33 14.70
CA PHE D 238 -3.94 41.32 16.16
C PHE D 238 -3.26 42.50 16.84
N GLY D 239 -2.84 43.52 16.10
CA GLY D 239 -2.18 44.66 16.68
C GLY D 239 -3.12 45.68 17.29
N PRO D 240 -4.01 46.27 16.47
CA PRO D 240 -4.88 47.32 17.00
C PRO D 240 -5.71 46.87 18.19
N TYR D 241 -6.20 45.63 18.18
CA TYR D 241 -6.94 45.10 19.32
C TYR D 241 -6.11 45.18 20.60
N ASN D 242 -4.87 44.71 20.54
CA ASN D 242 -4.04 44.65 21.74
C ASN D 242 -3.51 46.02 22.15
N VAL D 243 -3.27 46.93 21.19
CA VAL D 243 -2.85 48.26 21.58
C VAL D 243 -3.99 49.01 22.24
N SER D 244 -5.22 48.88 21.73
CA SER D 244 -6.37 49.42 22.44
C SER D 244 -6.55 48.73 23.79
N HIS D 245 -6.24 47.44 23.87
CA HIS D 245 -6.33 46.69 25.11
C HIS D 245 -5.43 47.29 26.17
N VAL D 246 -4.16 47.53 25.84
CA VAL D 246 -3.22 48.07 26.83
C VAL D 246 -3.54 49.54 27.10
N VAL D 247 -4.00 50.28 26.09
CA VAL D 247 -4.38 51.68 26.29
C VAL D 247 -5.53 51.78 27.29
N GLY D 248 -6.47 50.83 27.23
CA GLY D 248 -7.60 50.88 28.13
C GLY D 248 -7.20 50.78 29.59
N TYR D 249 -6.14 50.03 29.88
CA TYR D 249 -5.70 49.88 31.27
C TYR D 249 -5.23 51.21 31.84
N ILE D 250 -4.42 51.95 31.08
CA ILE D 250 -3.96 53.26 31.54
C ILE D 250 -5.12 54.24 31.58
N GLN D 251 -5.95 54.25 30.53
CA GLN D 251 -7.08 55.18 30.48
C GLN D 251 -8.13 54.83 31.52
N GLY D 252 -8.47 53.54 31.64
CA GLY D 252 -9.43 53.06 32.61
C GLY D 252 -10.74 52.60 32.01
N GLU D 253 -11.24 53.31 31.01
CA GLU D 253 -12.53 53.00 30.41
C GLU D 253 -12.42 51.97 29.31
N SER D 254 -13.52 51.69 28.63
CA SER D 254 -13.55 50.75 27.52
C SER D 254 -13.49 51.52 26.20
N PRO D 255 -12.68 51.06 25.25
CA PRO D 255 -12.53 51.80 24.00
C PRO D 255 -13.76 51.75 23.10
N VAL D 256 -13.91 52.75 22.25
CA VAL D 256 -14.98 52.76 21.27
C VAL D 256 -14.57 52.08 19.95
N TRP D 257 -13.29 52.08 19.62
CA TRP D 257 -12.83 51.41 18.40
C TRP D 257 -12.77 49.90 18.55
N ARG D 258 -13.33 49.34 19.63
CA ARG D 258 -13.44 47.90 19.77
C ARG D 258 -14.24 47.31 18.62
N SER D 259 -15.30 47.99 18.21
CA SER D 259 -16.07 47.53 17.07
C SER D 259 -15.26 47.57 15.78
N TYR D 260 -14.18 48.37 15.77
CA TYR D 260 -13.31 48.47 14.61
C TYR D 260 -12.16 47.47 14.68
N VAL D 261 -11.37 47.51 15.77
CA VAL D 261 -10.20 46.66 15.87
C VAL D 261 -10.59 45.18 15.85
N LEU D 262 -11.63 44.82 16.61
CA LEU D 262 -12.13 43.45 16.56
C LEU D 262 -12.55 43.08 15.15
N LEU D 263 -13.15 44.05 14.44
CA LEU D 263 -13.51 43.85 13.04
C LEU D 263 -12.31 43.39 12.24
N LEU D 264 -11.15 44.03 12.46
CA LEU D 264 -9.94 43.62 11.74
C LEU D 264 -9.62 42.16 12.04
N SER D 265 -9.76 41.75 13.29
CA SER D 265 -9.52 40.35 13.64
C SER D 265 -10.43 39.43 12.85
N THR D 266 -11.67 39.86 12.59
CA THR D 266 -12.58 39.03 11.80
C THR D 266 -12.02 38.82 10.40
N LEU D 267 -11.39 39.85 9.82
CA LEU D 267 -10.78 39.71 8.51
C LEU D 267 -9.70 38.64 8.53
N ASN D 268 -9.06 38.43 9.69
CA ASN D 268 -8.08 37.35 9.81
C ASN D 268 -8.70 36.01 9.47
N SER D 269 -9.95 35.79 9.87
CA SER D 269 -10.63 34.52 9.57
C SER D 269 -10.73 34.29 8.07
N CYS D 270 -10.71 35.36 7.27
CA CYS D 270 -10.75 35.23 5.82
C CYS D 270 -9.36 35.06 5.21
N VAL D 271 -8.31 35.46 5.92
CA VAL D 271 -6.97 35.46 5.33
C VAL D 271 -6.16 34.22 5.69
N ASP D 272 -6.52 33.50 6.75
CA ASP D 272 -5.78 32.29 7.10
C ASP D 272 -5.85 31.22 6.01
N PRO D 273 -7.01 30.86 5.47
CA PRO D 273 -7.00 29.88 4.37
C PRO D 273 -6.27 30.34 3.13
N LEU D 274 -6.33 31.63 2.80
CA LEU D 274 -5.67 32.13 1.60
C LEU D 274 -4.16 32.06 1.75
N VAL D 275 -3.62 32.62 2.85
CA VAL D 275 -2.18 32.60 3.08
C VAL D 275 -1.69 31.16 3.20
N TYR D 276 -2.58 30.25 3.60
CA TYR D 276 -2.19 28.86 3.74
C TYR D 276 -2.17 28.18 2.37
N TYR D 277 -3.03 28.64 1.46
CA TYR D 277 -3.15 28.02 0.14
C TYR D 277 -1.86 28.13 -0.65
N PHE D 278 -1.23 29.29 -0.65
CA PHE D 278 0.01 29.50 -1.38
C PHE D 278 1.25 29.20 -0.54
N SER D 279 1.05 28.77 0.71
CA SER D 279 2.19 28.47 1.59
C SER D 279 2.98 27.27 1.09
N SER D 280 2.28 26.21 0.70
CA SER D 280 2.91 24.94 0.32
C SER D 280 2.60 24.62 -1.13
N SER D 281 3.63 24.24 -1.89
CA SER D 281 3.42 23.84 -3.28
C SER D 281 2.59 22.56 -3.35
N GLY D 282 2.83 21.62 -2.45
CA GLY D 282 2.02 20.42 -2.40
C GLY D 282 0.56 20.72 -2.12
N PHE D 283 0.30 21.70 -1.26
CA PHE D 283 -1.07 22.14 -1.01
C PHE D 283 -1.71 22.70 -2.27
N GLN D 284 -0.95 23.50 -3.03
CA GLN D 284 -1.47 24.04 -4.28
C GLN D 284 -1.81 22.93 -5.27
N ALA D 285 -0.91 21.94 -5.40
CA ALA D 285 -1.16 20.83 -6.31
C ALA D 285 -2.37 20.01 -5.88
N ASP D 286 -2.49 19.76 -4.56
CA ASP D 286 -3.62 18.99 -4.06
C ASP D 286 -4.92 19.74 -4.31
N PHE D 287 -4.93 21.06 -4.08
CA PHE D 287 -6.12 21.84 -4.35
C PHE D 287 -6.46 21.84 -5.84
N HIS D 288 -5.45 21.94 -6.71
CA HIS D 288 -5.70 21.94 -8.15
C HIS D 288 -6.28 20.62 -8.63
N GLU D 289 -5.75 19.50 -8.11
CA GLU D 289 -6.18 18.19 -8.61
C GLU D 289 -7.46 17.68 -7.95
N LEU D 290 -7.73 18.08 -6.70
CA LEU D 290 -8.89 17.57 -5.99
C LEU D 290 -10.18 18.24 -6.44
N LEU D 291 -10.09 19.47 -6.96
CA LEU D 291 -11.29 20.20 -7.36
C LEU D 291 -12.01 19.47 -8.49
N ARG D 292 -13.33 19.38 -8.37
CA ARG D 292 -14.14 18.69 -9.37
C ARG D 292 -15.22 19.60 -9.93
N ASN E 5 28.87 -10.77 -41.50
CA ASN E 5 30.00 -11.55 -41.02
C ASN E 5 29.62 -13.02 -40.84
N THR E 6 30.43 -13.74 -40.06
CA THR E 6 30.16 -15.16 -39.80
C THR E 6 29.13 -15.39 -38.71
N ALA E 7 28.69 -14.33 -38.02
CA ALA E 7 27.70 -14.45 -36.96
C ALA E 7 26.30 -14.01 -37.38
N SER E 8 26.20 -13.00 -38.26
CA SER E 8 24.89 -12.54 -38.70
C SER E 8 24.21 -13.54 -39.63
N ILE E 9 24.98 -14.40 -40.30
CA ILE E 9 24.39 -15.39 -41.20
C ILE E 9 23.52 -16.36 -40.41
N ALA E 10 23.99 -16.82 -39.25
CA ALA E 10 23.20 -17.73 -38.42
C ALA E 10 21.91 -17.08 -37.95
N GLN E 11 21.98 -15.81 -37.52
CA GLN E 11 20.78 -15.11 -37.08
C GLN E 11 19.79 -14.94 -38.23
N ALA E 12 20.28 -14.58 -39.41
CA ALA E 12 19.40 -14.43 -40.57
C ALA E 12 18.76 -15.75 -40.94
N ARG E 13 19.52 -16.84 -40.90
CA ARG E 13 18.96 -18.16 -41.20
C ARG E 13 17.90 -18.55 -40.18
N LYS E 14 18.16 -18.27 -38.90
CA LYS E 14 17.16 -18.57 -37.87
C LYS E 14 15.89 -17.77 -38.09
N LEU E 15 16.02 -16.48 -38.42
CA LEU E 15 14.84 -15.67 -38.69
C LEU E 15 14.07 -16.18 -39.91
N VAL E 16 14.79 -16.57 -40.96
CA VAL E 16 14.14 -17.09 -42.16
C VAL E 16 13.39 -18.39 -41.84
N GLU E 17 14.02 -19.28 -41.06
CA GLU E 17 13.36 -20.52 -40.68
C GLU E 17 12.12 -20.24 -39.83
N GLN E 18 12.23 -19.32 -38.87
CA GLN E 18 11.09 -19.00 -38.02
C GLN E 18 9.93 -18.43 -38.83
N LEU E 19 10.23 -17.57 -39.81
CA LEU E 19 9.19 -17.08 -40.71
C LEU E 19 8.62 -18.21 -41.56
N LYS E 20 9.46 -19.18 -41.94
CA LYS E 20 8.99 -20.31 -42.74
C LYS E 20 8.01 -21.19 -41.97
N MET E 21 8.25 -21.38 -40.67
CA MET E 21 7.34 -22.21 -39.88
C MET E 21 5.94 -21.60 -39.84
N GLU E 22 5.84 -20.29 -39.69
CA GLU E 22 4.56 -19.60 -39.65
C GLU E 22 4.10 -19.11 -41.02
N ALA E 23 4.85 -19.40 -42.09
CA ALA E 23 4.47 -18.95 -43.41
C ALA E 23 3.15 -19.57 -43.87
N ASN E 24 2.98 -20.87 -43.62
CA ASN E 24 1.78 -21.60 -44.03
C ASN E 24 0.99 -21.98 -42.78
N ILE E 25 -0.20 -21.40 -42.64
CA ILE E 25 -1.09 -21.69 -41.52
C ILE E 25 -2.51 -21.83 -42.07
N ASP E 26 -3.21 -22.88 -41.65
CA ASP E 26 -4.58 -23.13 -42.08
C ASP E 26 -5.53 -22.17 -41.34
N ARG E 27 -5.37 -20.89 -41.65
CA ARG E 27 -6.17 -19.85 -41.01
C ARG E 27 -7.57 -19.82 -41.60
N ILE E 28 -8.50 -19.27 -40.82
CA ILE E 28 -9.89 -19.13 -41.22
C ILE E 28 -10.16 -17.66 -41.53
N LYS E 29 -11.30 -17.41 -42.17
CA LYS E 29 -11.68 -16.04 -42.51
C LYS E 29 -11.99 -15.25 -41.26
N VAL E 30 -11.79 -13.93 -41.35
CA VAL E 30 -12.03 -13.05 -40.21
C VAL E 30 -13.51 -13.02 -39.85
N SER E 31 -14.39 -13.08 -40.87
CA SER E 31 -15.82 -13.03 -40.60
C SER E 31 -16.28 -14.22 -39.77
N LYS E 32 -15.82 -15.43 -40.11
CA LYS E 32 -16.21 -16.61 -39.35
C LYS E 32 -15.69 -16.56 -37.92
N ALA E 33 -14.44 -16.11 -37.74
CA ALA E 33 -13.89 -15.99 -36.40
C ALA E 33 -14.66 -14.97 -35.58
N ALA E 34 -15.01 -13.83 -36.18
CA ALA E 34 -15.80 -12.84 -35.47
C ALA E 34 -17.19 -13.36 -35.11
N ALA E 35 -17.80 -14.12 -36.03
CA ALA E 35 -19.10 -14.72 -35.74
C ALA E 35 -19.02 -15.69 -34.57
N ASP E 36 -17.98 -16.53 -34.54
CA ASP E 36 -17.78 -17.41 -33.41
C ASP E 36 -17.54 -16.62 -32.13
N LEU E 37 -16.82 -15.51 -32.23
CA LEU E 37 -16.55 -14.68 -31.06
C LEU E 37 -17.83 -14.13 -30.47
N MET E 38 -18.71 -13.57 -31.32
CA MET E 38 -19.97 -13.03 -30.81
C MET E 38 -20.90 -14.13 -30.35
N ALA E 39 -20.84 -15.30 -30.98
CA ALA E 39 -21.64 -16.44 -30.51
C ALA E 39 -21.23 -16.84 -29.10
N TYR E 40 -19.92 -16.90 -28.84
CA TYR E 40 -19.46 -17.21 -27.48
C TYR E 40 -19.86 -16.10 -26.52
N CYS E 41 -19.76 -14.84 -26.96
CA CYS E 41 -20.12 -13.72 -26.08
C CYS E 41 -21.60 -13.78 -25.69
N GLU E 42 -22.47 -14.08 -26.64
CA GLU E 42 -23.91 -14.17 -26.37
C GLU E 42 -24.29 -15.47 -25.68
N ALA E 43 -23.45 -16.49 -25.76
CA ALA E 43 -23.77 -17.76 -25.10
C ALA E 43 -23.62 -17.66 -23.59
N HIS E 44 -22.65 -16.89 -23.11
CA HIS E 44 -22.39 -16.74 -21.68
C HIS E 44 -22.79 -15.36 -21.16
N ALA E 45 -23.64 -14.64 -21.91
CA ALA E 45 -24.06 -13.31 -21.47
C ALA E 45 -24.85 -13.37 -20.17
N LYS E 46 -25.74 -14.36 -20.04
CA LYS E 46 -26.57 -14.47 -18.84
C LYS E 46 -25.77 -14.86 -17.61
N GLU E 47 -24.60 -15.47 -17.78
CA GLU E 47 -23.77 -15.92 -16.68
C GLU E 47 -22.67 -14.93 -16.32
N ASP E 48 -22.65 -13.75 -16.96
CA ASP E 48 -21.61 -12.78 -16.72
C ASP E 48 -22.13 -11.67 -15.81
N PRO E 49 -21.68 -11.58 -14.55
CA PRO E 49 -22.12 -10.48 -13.69
C PRO E 49 -21.69 -9.11 -14.19
N LEU E 50 -20.64 -9.03 -15.02
CA LEU E 50 -20.19 -7.73 -15.53
C LEU E 50 -21.25 -7.09 -16.41
N LEU E 51 -21.87 -7.87 -17.30
CA LEU E 51 -22.90 -7.32 -18.19
C LEU E 51 -24.25 -7.24 -17.48
N THR E 52 -24.68 -8.33 -16.86
CA THR E 52 -25.94 -8.36 -16.14
C THR E 52 -25.67 -8.32 -14.64
N PRO E 53 -25.97 -7.21 -13.95
CA PRO E 53 -25.69 -7.15 -12.51
C PRO E 53 -26.52 -8.17 -11.74
N VAL E 54 -25.89 -8.76 -10.73
CA VAL E 54 -26.55 -9.75 -9.87
C VAL E 54 -27.37 -8.99 -8.83
N PRO E 55 -28.43 -9.59 -8.29
CA PRO E 55 -29.19 -8.93 -7.23
C PRO E 55 -28.34 -8.70 -6.00
N ALA E 56 -28.65 -7.62 -5.29
CA ALA E 56 -27.83 -7.22 -4.14
C ALA E 56 -27.86 -8.27 -3.04
N SER E 57 -29.02 -8.89 -2.80
CA SER E 57 -29.11 -9.90 -1.75
C SER E 57 -28.22 -11.10 -2.03
N GLU E 58 -28.18 -11.55 -3.29
CA GLU E 58 -27.28 -12.63 -3.69
C GLU E 58 -25.85 -12.16 -3.94
N ASN E 59 -25.60 -10.85 -3.90
CA ASN E 59 -24.25 -10.36 -4.14
C ASN E 59 -23.34 -10.74 -2.96
N PRO E 60 -22.20 -11.39 -3.21
CA PRO E 60 -21.36 -11.82 -2.08
C PRO E 60 -20.65 -10.66 -1.39
N PHE E 61 -20.11 -9.72 -2.16
CA PHE E 61 -19.36 -8.61 -1.58
C PHE E 61 -20.27 -7.64 -0.85
#